data_5PGV
#
_entry.id   5PGV
#
_cell.length_a   74.400
_cell.length_b   92.600
_cell.length_c   162.100
_cell.angle_alpha   90.000
_cell.angle_beta   90.000
_cell.angle_gamma   90.000
#
_symmetry.space_group_name_H-M   'P 21 21 21'
#
loop_
_entity.id
_entity.type
_entity.pdbx_description
1 polymer 'Corticosteroid 11-beta-dehydrogenase isozyme 1'
2 non-polymer 'NADP NICOTINAMIDE-ADENINE-DINUCLEOTIDE PHOSPHATE'
3 non-polymer 1-(3-HYDROXYAZETIDIN-1-YL)-2-[(2S,5R)-2-(4-FLUOROPHENYL)-5-METHOXYADAMANTAN-2-YL]ETHAN-1-ONE
4 water water
#
_entity_poly.entity_id   1
_entity_poly.type   'polypeptide(L)'
_entity_poly.pdbx_seq_one_letter_code
;GSHMASMTGGQQMGRGSNEEFRPEMLQGKKVIVTGASKGIGREMAYHLAKMGAHVVVTARSKETLQKVVSHCLELGAASA
HYIAGTMEDMTFAEQFVAQAGKLMGGLDMLILNHITNTSLNLFHDDIHHVRKSMEVNFLSYVVLTVAALPMLKQSNGSIV
VVSSLAGKVAYPMVAAYSASKFALDGFFSSIRKEYSVSRVNVSITLCVLGLIDTETAMKAVSGIVHMQAAPKEECALEII
KGGALRQEEVYYDSSRWTTLLIRNPCRKILEELYSTSYNMDRFINK
;
_entity_poly.pdbx_strand_id   A,B,D,E
#
# COMPACT_ATOMS: atom_id res chain seq x y z
N GLU A 20 10.72 -24.11 -1.97
CA GLU A 20 10.75 -24.74 -3.29
C GLU A 20 10.05 -26.10 -3.28
N PHE A 21 8.97 -26.21 -4.04
CA PHE A 21 8.14 -27.41 -4.17
C PHE A 21 8.85 -28.55 -4.90
N ARG A 22 8.55 -29.78 -4.47
CA ARG A 22 9.05 -31.05 -5.00
C ARG A 22 7.83 -31.98 -5.06
N PRO A 23 7.55 -32.70 -6.19
CA PRO A 23 6.36 -33.59 -6.24
C PRO A 23 6.32 -34.67 -5.14
N GLU A 24 7.49 -34.93 -4.53
CA GLU A 24 7.75 -35.90 -3.44
C GLU A 24 6.95 -35.51 -2.21
N MET A 25 6.74 -34.19 -2.01
CA MET A 25 5.96 -33.62 -0.91
C MET A 25 4.55 -34.21 -0.79
N LEU A 26 4.01 -34.80 -1.90
CA LEU A 26 2.65 -35.40 -1.98
C LEU A 26 2.63 -36.93 -2.03
N GLN A 27 3.82 -37.57 -2.15
CA GLN A 27 3.93 -39.03 -2.21
C GLN A 27 3.42 -39.64 -0.92
N GLY A 28 2.43 -40.52 -1.04
CA GLY A 28 1.77 -41.20 0.07
C GLY A 28 0.84 -40.36 0.92
N LYS A 29 0.60 -39.10 0.55
CA LYS A 29 -0.30 -38.20 1.27
C LYS A 29 -1.75 -38.56 1.02
N LYS A 30 -2.60 -38.36 2.05
CA LYS A 30 -4.02 -38.67 1.99
C LYS A 30 -4.79 -37.38 1.70
N VAL A 31 -5.31 -37.25 0.46
CA VAL A 31 -5.94 -36.04 -0.03
C VAL A 31 -7.39 -36.20 -0.48
N ILE A 32 -8.25 -35.25 -0.06
CA ILE A 32 -9.62 -35.09 -0.49
C ILE A 32 -9.63 -33.96 -1.53
N VAL A 33 -10.32 -34.15 -2.66
CA VAL A 33 -10.52 -33.10 -3.67
C VAL A 33 -12.02 -33.04 -3.94
N THR A 34 -12.67 -31.90 -3.64
CA THR A 34 -14.11 -31.75 -3.92
C THR A 34 -14.28 -31.15 -5.32
N GLY A 35 -15.46 -31.32 -5.91
CA GLY A 35 -15.73 -30.86 -7.29
C GLY A 35 -14.65 -31.34 -8.25
N ALA A 36 -14.30 -32.62 -8.16
CA ALA A 36 -13.19 -33.22 -8.88
C ALA A 36 -13.59 -34.13 -10.08
N SER A 37 -14.86 -34.09 -10.47
CA SER A 37 -15.35 -34.85 -11.63
C SER A 37 -14.94 -34.14 -12.95
N LYS A 38 -14.67 -32.80 -12.90
CA LYS A 38 -14.26 -32.00 -14.06
C LYS A 38 -13.44 -30.78 -13.65
N GLY A 39 -13.07 -29.98 -14.65
CA GLY A 39 -12.30 -28.74 -14.52
C GLY A 39 -11.02 -28.79 -13.70
N ILE A 40 -10.77 -27.71 -12.91
CA ILE A 40 -9.61 -27.56 -12.03
C ILE A 40 -9.47 -28.73 -11.03
N GLY A 41 -10.59 -29.15 -10.43
CA GLY A 41 -10.66 -30.25 -9.47
C GLY A 41 -10.15 -31.56 -10.01
N ARG A 42 -10.55 -31.92 -11.25
CA ARG A 42 -10.09 -33.14 -11.93
C ARG A 42 -8.59 -33.04 -12.22
N GLU A 43 -8.12 -31.86 -12.68
CA GLU A 43 -6.70 -31.60 -12.95
C GLU A 43 -5.84 -31.79 -11.67
N MET A 44 -6.38 -31.38 -10.49
CA MET A 44 -5.71 -31.55 -9.21
C MET A 44 -5.64 -33.02 -8.85
N ALA A 45 -6.71 -33.78 -9.06
CA ALA A 45 -6.76 -35.22 -8.80
C ALA A 45 -5.65 -35.93 -9.61
N TYR A 46 -5.52 -35.56 -10.91
CA TYR A 46 -4.54 -36.08 -11.87
C TYR A 46 -3.10 -35.77 -11.44
N HIS A 47 -2.81 -34.51 -11.02
CA HIS A 47 -1.48 -34.13 -10.54
C HIS A 47 -1.11 -34.94 -9.30
N LEU A 48 -2.05 -35.06 -8.34
CA LEU A 48 -1.86 -35.79 -7.08
C LEU A 48 -1.58 -37.26 -7.32
N ALA A 49 -2.29 -37.86 -8.29
CA ALA A 49 -2.15 -39.25 -8.74
C ALA A 49 -0.73 -39.50 -9.25
N LYS A 50 -0.23 -38.61 -10.13
CA LYS A 50 1.12 -38.64 -10.70
C LYS A 50 2.20 -38.52 -9.61
N MET A 51 1.89 -37.80 -8.51
CA MET A 51 2.80 -37.60 -7.38
C MET A 51 2.75 -38.77 -6.39
N GLY A 52 1.88 -39.75 -6.64
CA GLY A 52 1.74 -40.96 -5.82
C GLY A 52 1.01 -40.75 -4.50
N ALA A 53 -0.02 -39.90 -4.50
CA ALA A 53 -0.86 -39.64 -3.33
C ALA A 53 -2.04 -40.61 -3.32
N HIS A 54 -2.68 -40.78 -2.13
CA HIS A 54 -3.94 -41.50 -1.95
C HIS A 54 -5.01 -40.41 -2.14
N VAL A 55 -5.99 -40.65 -3.03
CA VAL A 55 -7.00 -39.63 -3.30
C VAL A 55 -8.42 -40.12 -3.12
N VAL A 56 -9.28 -39.23 -2.62
CA VAL A 56 -10.72 -39.42 -2.54
C VAL A 56 -11.33 -38.19 -3.20
N VAL A 57 -11.98 -38.40 -4.32
CA VAL A 57 -12.61 -37.35 -5.11
C VAL A 57 -14.12 -37.34 -4.87
N THR A 58 -14.75 -36.17 -5.01
CA THR A 58 -16.21 -36.05 -4.86
C THR A 58 -16.77 -35.01 -5.85
N ALA A 59 -18.06 -35.15 -6.13
CA ALA A 59 -18.93 -34.38 -7.04
C ALA A 59 -20.25 -35.14 -7.02
N ARG A 60 -21.28 -34.69 -7.73
CA ARG A 60 -22.54 -35.45 -7.76
C ARG A 60 -22.50 -36.57 -8.84
N SER A 61 -21.79 -36.38 -9.96
CA SER A 61 -21.81 -37.31 -11.11
C SER A 61 -20.93 -38.53 -10.96
N LYS A 62 -21.58 -39.66 -10.70
CA LYS A 62 -20.99 -40.98 -10.57
C LYS A 62 -20.09 -41.36 -11.75
N GLU A 63 -20.62 -41.28 -13.00
CA GLU A 63 -19.95 -41.67 -14.23
C GLU A 63 -18.69 -40.87 -14.53
N THR A 64 -18.67 -39.57 -14.16
CA THR A 64 -17.49 -38.73 -14.40
C THR A 64 -16.44 -38.99 -13.33
N LEU A 65 -16.87 -39.33 -12.08
CA LEU A 65 -15.97 -39.60 -10.94
C LEU A 65 -15.22 -40.90 -11.16
N GLN A 66 -15.94 -41.94 -11.68
CA GLN A 66 -15.39 -43.26 -12.03
C GLN A 66 -14.26 -43.10 -13.06
N LYS A 67 -14.48 -42.30 -14.11
CA LYS A 67 -13.48 -42.02 -15.14
C LYS A 67 -12.27 -41.40 -14.50
N VAL A 68 -12.49 -40.41 -13.59
CA VAL A 68 -11.43 -39.71 -12.86
C VAL A 68 -10.62 -40.71 -12.03
N VAL A 69 -11.30 -41.55 -11.26
CA VAL A 69 -10.66 -42.56 -10.40
C VAL A 69 -9.75 -43.46 -11.25
N SER A 70 -10.30 -44.01 -12.37
CA SER A 70 -9.58 -44.84 -13.36
C SER A 70 -8.32 -44.14 -13.86
N HIS A 71 -8.46 -42.90 -14.39
CA HIS A 71 -7.31 -42.15 -14.90
C HIS A 71 -6.29 -41.84 -13.80
N CYS A 72 -6.73 -41.62 -12.54
CA CYS A 72 -5.85 -41.39 -11.38
C CYS A 72 -5.00 -42.63 -11.10
N LEU A 73 -5.62 -43.81 -11.18
CA LEU A 73 -4.94 -45.08 -10.98
C LEU A 73 -3.89 -45.33 -12.09
N GLU A 74 -4.23 -45.03 -13.38
CA GLU A 74 -3.31 -45.17 -14.53
C GLU A 74 -2.08 -44.26 -14.37
N LEU A 75 -2.29 -43.09 -13.73
CA LEU A 75 -1.25 -42.09 -13.53
C LEU A 75 -0.28 -42.40 -12.41
N GLY A 76 -0.63 -43.32 -11.52
CA GLY A 76 0.27 -43.69 -10.43
C GLY A 76 -0.15 -43.37 -9.01
N ALA A 77 -1.45 -43.20 -8.74
CA ALA A 77 -1.98 -42.91 -7.40
C ALA A 77 -1.82 -44.11 -6.49
N ALA A 78 -1.45 -43.88 -5.22
CA ALA A 78 -1.26 -44.93 -4.22
C ALA A 78 -2.57 -45.73 -4.01
N SER A 79 -3.69 -45.03 -4.10
CA SER A 79 -5.06 -45.53 -4.04
C SER A 79 -5.96 -44.42 -4.55
N ALA A 80 -7.14 -44.77 -5.07
CA ALA A 80 -8.08 -43.79 -5.60
C ALA A 80 -9.51 -44.27 -5.41
N HIS A 81 -10.33 -43.42 -4.80
CA HIS A 81 -11.73 -43.69 -4.54
C HIS A 81 -12.57 -42.45 -4.83
N TYR A 82 -13.88 -42.65 -5.04
CA TYR A 82 -14.84 -41.57 -5.21
C TYR A 82 -16.02 -41.84 -4.29
N ILE A 83 -16.69 -40.78 -3.85
CA ILE A 83 -17.93 -40.83 -3.07
C ILE A 83 -18.76 -39.74 -3.71
N ALA A 84 -19.90 -40.11 -4.32
CA ALA A 84 -20.75 -39.16 -5.03
C ALA A 84 -21.86 -38.63 -4.11
N GLY A 85 -22.15 -37.35 -4.27
CA GLY A 85 -23.21 -36.66 -3.53
C GLY A 85 -23.19 -35.17 -3.72
N THR A 86 -24.26 -34.51 -3.27
CA THR A 86 -24.42 -33.06 -3.37
C THR A 86 -23.98 -32.34 -2.08
N MET A 87 -23.19 -31.27 -2.28
CA MET A 87 -22.72 -30.41 -1.18
C MET A 87 -23.80 -29.42 -0.72
N GLU A 88 -25.04 -29.54 -1.26
CA GLU A 88 -26.23 -28.79 -0.79
C GLU A 88 -26.68 -29.45 0.52
N ASP A 89 -26.34 -30.74 0.66
CA ASP A 89 -26.67 -31.60 1.79
C ASP A 89 -25.51 -31.60 2.78
N MET A 90 -25.71 -30.84 3.89
CA MET A 90 -24.73 -30.68 4.97
C MET A 90 -24.44 -32.00 5.68
N THR A 91 -25.42 -32.94 5.69
CA THR A 91 -25.27 -34.28 6.29
C THR A 91 -24.31 -35.11 5.42
N PHE A 92 -24.44 -35.03 4.08
CA PHE A 92 -23.56 -35.73 3.15
C PHE A 92 -22.13 -35.18 3.32
N ALA A 93 -21.96 -33.85 3.34
CA ALA A 93 -20.67 -33.16 3.49
C ALA A 93 -19.93 -33.68 4.74
N GLU A 94 -20.63 -33.76 5.89
CA GLU A 94 -20.09 -34.22 7.16
C GLU A 94 -19.69 -35.71 7.12
N GLN A 95 -20.59 -36.58 6.60
CA GLN A 95 -20.33 -38.02 6.53
C GLN A 95 -19.30 -38.37 5.47
N PHE A 96 -19.23 -37.60 4.38
CA PHE A 96 -18.26 -37.80 3.30
C PHE A 96 -16.81 -37.78 3.83
N VAL A 97 -16.49 -36.83 4.71
CA VAL A 97 -15.14 -36.69 5.28
C VAL A 97 -14.78 -37.91 6.15
N ALA A 98 -15.72 -38.35 7.01
CA ALA A 98 -15.54 -39.53 7.88
C ALA A 98 -15.24 -40.77 7.02
N GLN A 99 -16.02 -41.01 5.94
CA GLN A 99 -15.86 -42.16 5.03
C GLN A 99 -14.59 -42.05 4.21
N ALA A 100 -14.24 -40.84 3.73
CA ALA A 100 -12.99 -40.63 2.99
C ALA A 100 -11.78 -40.93 3.89
N GLY A 101 -11.84 -40.46 5.14
CA GLY A 101 -10.81 -40.67 6.16
C GLY A 101 -10.66 -42.14 6.52
N LYS A 102 -11.78 -42.89 6.57
CA LYS A 102 -11.79 -44.32 6.84
C LYS A 102 -11.13 -45.10 5.66
N LEU A 103 -11.40 -44.69 4.41
CA LEU A 103 -10.82 -45.31 3.21
C LEU A 103 -9.31 -45.14 3.13
N MET A 104 -8.81 -43.97 3.57
CA MET A 104 -7.39 -43.68 3.50
C MET A 104 -6.60 -43.94 4.78
N GLY A 105 -7.32 -44.11 5.89
CA GLY A 105 -6.71 -44.30 7.22
C GLY A 105 -6.12 -42.99 7.73
N GLY A 106 -6.79 -41.87 7.43
CA GLY A 106 -6.36 -40.53 7.81
C GLY A 106 -6.53 -39.49 6.73
N LEU A 107 -6.04 -38.28 7.01
CA LEU A 107 -6.14 -37.15 6.08
C LEU A 107 -5.02 -36.16 6.28
N ASP A 108 -4.34 -35.82 5.17
CA ASP A 108 -3.24 -34.85 5.15
C ASP A 108 -3.64 -33.52 4.53
N MET A 109 -4.48 -33.57 3.49
CA MET A 109 -4.88 -32.37 2.78
C MET A 109 -6.32 -32.41 2.36
N LEU A 110 -7.05 -31.32 2.64
CA LEU A 110 -8.45 -31.15 2.30
C LEU A 110 -8.53 -30.05 1.25
N ILE A 111 -8.89 -30.42 0.02
CA ILE A 111 -8.99 -29.46 -1.07
C ILE A 111 -10.46 -29.18 -1.37
N LEU A 112 -10.90 -27.95 -1.02
CA LEU A 112 -12.28 -27.46 -1.11
C LEU A 112 -12.37 -26.63 -2.37
N ASN A 113 -13.02 -27.18 -3.40
CA ASN A 113 -13.03 -26.64 -4.75
C ASN A 113 -14.40 -26.53 -5.42
N HIS A 114 -15.37 -27.36 -5.05
CA HIS A 114 -16.71 -27.34 -5.64
C HIS A 114 -17.46 -26.01 -5.48
N ILE A 115 -18.35 -25.71 -6.44
CA ILE A 115 -19.24 -24.55 -6.40
C ILE A 115 -20.57 -25.02 -6.96
N THR A 116 -21.66 -24.30 -6.66
CA THR A 116 -22.98 -24.57 -7.25
C THR A 116 -22.92 -24.00 -8.69
N ASN A 117 -23.64 -24.60 -9.64
CA ASN A 117 -23.67 -24.11 -11.02
C ASN A 117 -24.08 -22.64 -11.07
N THR A 118 -23.27 -21.84 -11.72
CA THR A 118 -23.50 -20.39 -11.76
C THR A 118 -23.22 -19.85 -13.15
N SER A 119 -23.99 -18.83 -13.53
CA SER A 119 -23.87 -18.16 -14.81
C SER A 119 -23.76 -16.66 -14.57
N LEU A 120 -23.28 -15.93 -15.56
CA LEU A 120 -23.13 -14.49 -15.47
C LEU A 120 -24.50 -13.90 -15.77
N ASN A 121 -25.01 -13.09 -14.83
CA ASN A 121 -26.31 -12.42 -14.90
C ASN A 121 -26.37 -11.28 -13.92
N LEU A 122 -27.13 -10.24 -14.25
CA LEU A 122 -27.35 -9.11 -13.35
C LEU A 122 -28.25 -9.58 -12.22
N PHE A 123 -28.08 -9.01 -11.04
CA PHE A 123 -28.92 -9.38 -9.91
C PHE A 123 -30.21 -8.59 -9.92
N HIS A 124 -31.33 -9.32 -9.80
CA HIS A 124 -32.63 -8.66 -9.70
C HIS A 124 -33.39 -9.16 -8.45
N ASP A 125 -33.79 -10.46 -8.44
CA ASP A 125 -34.56 -10.96 -7.29
C ASP A 125 -34.32 -12.44 -7.00
N ASP A 126 -33.26 -13.02 -7.57
CA ASP A 126 -32.98 -14.44 -7.36
C ASP A 126 -32.29 -14.70 -6.02
N ILE A 127 -33.07 -14.58 -4.92
CA ILE A 127 -32.63 -14.86 -3.55
C ILE A 127 -32.27 -16.34 -3.38
N HIS A 128 -32.95 -17.22 -4.15
CA HIS A 128 -32.71 -18.66 -4.14
C HIS A 128 -31.28 -18.97 -4.59
N HIS A 129 -30.77 -18.27 -5.63
CA HIS A 129 -29.40 -18.44 -6.09
C HIS A 129 -28.41 -17.86 -5.06
N VAL A 130 -28.78 -16.76 -4.36
CA VAL A 130 -27.95 -16.14 -3.31
C VAL A 130 -27.79 -17.13 -2.15
N ARG A 131 -28.91 -17.67 -1.65
CA ARG A 131 -28.88 -18.65 -0.57
C ARG A 131 -28.15 -19.96 -0.97
N LYS A 132 -28.43 -20.51 -2.17
CA LYS A 132 -27.77 -21.74 -2.65
C LYS A 132 -26.25 -21.57 -2.79
N SER A 133 -25.81 -20.40 -3.33
CA SER A 133 -24.39 -20.06 -3.44
C SER A 133 -23.75 -20.01 -2.07
N MET A 134 -24.42 -19.40 -1.07
CA MET A 134 -23.87 -19.34 0.28
C MET A 134 -23.77 -20.73 0.91
N GLU A 135 -24.80 -21.56 0.70
CA GLU A 135 -24.87 -22.94 1.21
C GLU A 135 -23.77 -23.83 0.62
N VAL A 136 -23.70 -23.90 -0.72
CA VAL A 136 -22.76 -24.77 -1.42
C VAL A 136 -21.34 -24.22 -1.43
N ASN A 137 -21.16 -22.97 -1.84
CA ASN A 137 -19.82 -22.42 -1.99
C ASN A 137 -19.13 -22.08 -0.68
N PHE A 138 -19.91 -21.85 0.38
CA PHE A 138 -19.32 -21.41 1.64
C PHE A 138 -19.62 -22.32 2.81
N LEU A 139 -20.91 -22.47 3.17
CA LEU A 139 -21.30 -23.24 4.34
C LEU A 139 -20.83 -24.70 4.31
N SER A 140 -20.93 -25.37 3.15
CA SER A 140 -20.44 -26.76 3.03
C SER A 140 -18.91 -26.85 3.30
N TYR A 141 -18.14 -25.81 2.92
CA TYR A 141 -16.69 -25.72 3.16
C TYR A 141 -16.40 -25.69 4.65
N VAL A 142 -17.22 -24.95 5.44
CA VAL A 142 -17.13 -24.86 6.89
C VAL A 142 -17.46 -26.25 7.51
N VAL A 143 -18.54 -26.90 7.03
CA VAL A 143 -18.96 -28.22 7.50
C VAL A 143 -17.85 -29.27 7.24
N LEU A 144 -17.27 -29.25 6.03
CA LEU A 144 -16.20 -30.14 5.63
C LEU A 144 -14.96 -29.93 6.48
N THR A 145 -14.62 -28.67 6.81
CA THR A 145 -13.50 -28.29 7.66
C THR A 145 -13.70 -28.84 9.10
N VAL A 146 -14.90 -28.66 9.68
CA VAL A 146 -15.21 -29.15 11.03
C VAL A 146 -15.04 -30.68 11.12
N ALA A 147 -15.58 -31.39 10.11
CA ALA A 147 -15.51 -32.86 10.02
C ALA A 147 -14.06 -33.35 9.83
N ALA A 148 -13.24 -32.60 9.07
CA ALA A 148 -11.84 -32.92 8.76
C ALA A 148 -10.79 -32.54 9.80
N LEU A 149 -11.06 -31.51 10.62
CA LEU A 149 -10.06 -30.95 11.55
C LEU A 149 -9.42 -31.97 12.51
N PRO A 150 -10.14 -32.89 13.21
CA PRO A 150 -9.44 -33.86 14.08
C PRO A 150 -8.33 -34.65 13.35
N MET A 151 -8.61 -35.16 12.12
CA MET A 151 -7.60 -35.88 11.31
C MET A 151 -6.47 -34.97 10.82
N LEU A 152 -6.76 -33.72 10.46
CA LEU A 152 -5.76 -32.76 10.00
C LEU A 152 -4.85 -32.29 11.15
N LYS A 153 -5.39 -32.25 12.38
CA LYS A 153 -4.63 -31.91 13.58
C LYS A 153 -3.61 -33.04 13.85
N GLN A 154 -4.03 -34.29 13.67
CA GLN A 154 -3.25 -35.51 13.86
C GLN A 154 -2.05 -35.58 12.88
N SER A 155 -2.27 -35.16 11.64
CA SER A 155 -1.25 -35.20 10.59
C SER A 155 -0.50 -33.88 10.41
N ASN A 156 -0.90 -32.79 11.14
CA ASN A 156 -0.38 -31.42 10.95
C ASN A 156 -0.60 -31.06 9.48
N GLY A 157 -1.82 -31.33 9.03
CA GLY A 157 -2.28 -31.20 7.67
C GLY A 157 -2.55 -29.82 7.12
N SER A 158 -3.27 -29.80 5.99
CA SER A 158 -3.53 -28.60 5.23
C SER A 158 -4.94 -28.49 4.70
N ILE A 159 -5.47 -27.27 4.73
CA ILE A 159 -6.78 -26.95 4.15
C ILE A 159 -6.49 -26.04 2.96
N VAL A 160 -6.99 -26.41 1.78
CA VAL A 160 -6.82 -25.62 0.57
C VAL A 160 -8.22 -25.17 0.13
N VAL A 161 -8.43 -23.85 0.06
CA VAL A 161 -9.71 -23.22 -0.27
C VAL A 161 -9.61 -22.56 -1.63
N VAL A 162 -10.39 -23.06 -2.59
CA VAL A 162 -10.38 -22.51 -3.92
C VAL A 162 -11.35 -21.33 -4.02
N SER A 163 -10.78 -20.14 -4.18
CA SER A 163 -11.53 -18.91 -4.32
C SER A 163 -11.34 -18.33 -5.75
N SER A 164 -11.57 -17.02 -5.91
CA SER A 164 -11.53 -16.34 -7.18
C SER A 164 -11.04 -14.90 -7.00
N LEU A 165 -10.70 -14.22 -8.11
CA LEU A 165 -10.41 -12.77 -8.06
C LEU A 165 -11.68 -12.02 -7.63
N ALA A 166 -12.88 -12.60 -7.92
CA ALA A 166 -14.22 -12.11 -7.52
C ALA A 166 -14.45 -12.28 -6.02
N GLY A 167 -13.50 -12.92 -5.35
CA GLY A 167 -13.46 -13.08 -3.90
C GLY A 167 -12.49 -12.12 -3.24
N LYS A 168 -11.93 -11.16 -4.02
CA LYS A 168 -10.99 -10.15 -3.54
C LYS A 168 -11.36 -8.75 -4.02
N VAL A 169 -11.91 -8.65 -5.25
CA VAL A 169 -12.33 -7.39 -5.89
C VAL A 169 -13.75 -7.55 -6.44
N ALA A 170 -14.44 -6.44 -6.68
CA ALA A 170 -15.81 -6.48 -7.17
C ALA A 170 -15.90 -6.61 -8.69
N TYR A 171 -16.84 -7.45 -9.15
CA TYR A 171 -17.14 -7.65 -10.55
C TYR A 171 -18.66 -7.61 -10.70
N PRO A 172 -19.23 -6.99 -11.76
CA PRO A 172 -20.69 -7.08 -11.97
C PRO A 172 -21.06 -8.49 -12.44
N MET A 173 -22.35 -8.86 -12.37
CA MET A 173 -22.94 -10.13 -12.86
C MET A 173 -22.66 -11.41 -12.01
N VAL A 174 -21.90 -11.26 -10.92
CA VAL A 174 -21.53 -12.37 -10.03
C VAL A 174 -21.77 -11.99 -8.56
N ALA A 175 -22.86 -11.24 -8.25
CA ALA A 175 -23.12 -10.79 -6.89
C ALA A 175 -23.20 -11.90 -5.84
N ALA A 176 -24.02 -12.95 -6.07
CA ALA A 176 -24.19 -14.09 -5.17
C ALA A 176 -22.89 -14.88 -5.03
N TYR A 177 -22.25 -15.15 -6.16
CA TYR A 177 -21.03 -15.93 -6.28
C TYR A 177 -19.88 -15.21 -5.53
N SER A 178 -19.76 -13.92 -5.77
CA SER A 178 -18.73 -13.06 -5.19
C SER A 178 -18.91 -12.95 -3.65
N ALA A 179 -20.16 -12.81 -3.19
CA ALA A 179 -20.47 -12.77 -1.76
C ALA A 179 -19.99 -14.07 -1.09
N SER A 180 -20.22 -15.24 -1.73
CA SER A 180 -19.78 -16.54 -1.20
C SER A 180 -18.24 -16.67 -1.15
N LYS A 181 -17.52 -16.08 -2.12
CA LYS A 181 -16.06 -16.12 -2.21
C LYS A 181 -15.43 -15.17 -1.23
N PHE A 182 -16.03 -13.97 -1.04
CA PHE A 182 -15.61 -13.00 -0.02
C PHE A 182 -15.80 -13.65 1.36
N ALA A 183 -16.99 -14.29 1.62
CA ALA A 183 -17.29 -15.01 2.88
C ALA A 183 -16.18 -16.02 3.24
N LEU A 184 -15.65 -16.78 2.25
CA LEU A 184 -14.55 -17.75 2.46
C LEU A 184 -13.30 -17.06 3.01
N ASP A 185 -12.93 -15.89 2.44
CA ASP A 185 -11.78 -15.11 2.90
C ASP A 185 -11.96 -14.68 4.37
N GLY A 186 -13.12 -14.11 4.68
CA GLY A 186 -13.45 -13.69 6.03
C GLY A 186 -13.43 -14.83 7.04
N PHE A 187 -14.01 -15.98 6.67
CA PHE A 187 -14.06 -17.12 7.57
C PHE A 187 -12.69 -17.76 7.78
N PHE A 188 -12.05 -18.18 6.68
CA PHE A 188 -10.79 -18.90 6.74
C PHE A 188 -9.61 -18.03 7.18
N SER A 189 -9.64 -16.72 6.93
CA SER A 189 -8.54 -15.86 7.38
C SER A 189 -8.64 -15.59 8.89
N SER A 190 -9.85 -15.66 9.45
CA SER A 190 -10.10 -15.49 10.87
C SER A 190 -9.65 -16.74 11.62
N ILE A 191 -10.06 -17.94 11.17
CA ILE A 191 -9.66 -19.20 11.82
C ILE A 191 -8.15 -19.43 11.69
N ARG A 192 -7.52 -18.94 10.60
CA ARG A 192 -6.06 -19.06 10.44
C ARG A 192 -5.34 -18.31 11.60
N LYS A 193 -5.84 -17.10 11.97
CA LYS A 193 -5.31 -16.31 13.08
C LYS A 193 -5.49 -17.05 14.40
N GLU A 194 -6.68 -17.69 14.58
CA GLU A 194 -7.00 -18.48 15.76
C GLU A 194 -6.08 -19.71 15.88
N TYR A 195 -5.81 -20.40 14.76
CA TYR A 195 -4.96 -21.60 14.74
C TYR A 195 -3.53 -21.23 15.12
N SER A 196 -3.08 -20.05 14.69
CA SER A 196 -1.76 -19.51 14.99
C SER A 196 -1.56 -19.31 16.49
N VAL A 197 -2.52 -18.64 17.17
CA VAL A 197 -2.43 -18.38 18.61
C VAL A 197 -2.73 -19.64 19.46
N SER A 198 -3.53 -20.60 18.91
CA SER A 198 -3.91 -21.84 19.59
C SER A 198 -2.93 -22.96 19.32
N ARG A 199 -1.90 -22.68 18.48
CA ARG A 199 -0.87 -23.64 18.10
C ARG A 199 -1.47 -24.90 17.42
N VAL A 200 -2.50 -24.69 16.56
CA VAL A 200 -3.11 -25.76 15.75
C VAL A 200 -2.27 -25.74 14.47
N ASN A 201 -1.45 -26.78 14.26
CA ASN A 201 -0.52 -26.83 13.12
C ASN A 201 -1.21 -27.31 11.82
N VAL A 202 -2.30 -26.63 11.45
CA VAL A 202 -3.06 -26.90 10.23
C VAL A 202 -2.98 -25.65 9.37
N SER A 203 -2.36 -25.75 8.21
CA SER A 203 -2.23 -24.58 7.33
C SER A 203 -3.54 -24.35 6.55
N ILE A 204 -3.77 -23.08 6.15
CA ILE A 204 -4.95 -22.67 5.38
C ILE A 204 -4.47 -21.88 4.17
N THR A 205 -4.72 -22.41 2.96
CA THR A 205 -4.32 -21.78 1.68
C THR A 205 -5.55 -21.31 0.91
N LEU A 206 -5.71 -19.98 0.76
CA LEU A 206 -6.78 -19.37 -0.02
C LEU A 206 -6.21 -19.11 -1.43
N CYS A 207 -6.84 -19.69 -2.44
CA CYS A 207 -6.40 -19.61 -3.83
C CYS A 207 -7.25 -18.63 -4.59
N VAL A 208 -6.63 -17.54 -5.07
CA VAL A 208 -7.26 -16.44 -5.78
C VAL A 208 -6.96 -16.60 -7.25
N LEU A 209 -7.93 -17.15 -8.00
CA LEU A 209 -7.80 -17.43 -9.42
C LEU A 209 -8.52 -16.48 -10.33
N GLY A 210 -7.86 -16.20 -11.47
CA GLY A 210 -8.42 -15.45 -12.58
C GLY A 210 -9.12 -16.41 -13.52
N LEU A 211 -9.43 -15.99 -14.76
CA LEU A 211 -10.09 -16.88 -15.73
C LEU A 211 -9.24 -18.09 -16.08
N ILE A 212 -9.83 -19.29 -15.93
CA ILE A 212 -9.20 -20.58 -16.19
C ILE A 212 -9.97 -21.25 -17.32
N ASP A 213 -9.24 -21.87 -18.28
CA ASP A 213 -9.84 -22.47 -19.48
C ASP A 213 -10.66 -23.77 -19.23
N THR A 214 -11.46 -23.83 -18.16
CA THR A 214 -12.32 -25.00 -17.94
C THR A 214 -13.51 -24.87 -18.88
N GLU A 215 -14.13 -26.01 -19.25
CA GLU A 215 -15.30 -26.04 -20.14
C GLU A 215 -16.43 -25.18 -19.61
N THR A 216 -16.68 -25.23 -18.28
CA THR A 216 -17.73 -24.44 -17.63
C THR A 216 -17.53 -22.92 -17.80
N ALA A 217 -16.31 -22.43 -17.52
CA ALA A 217 -15.94 -21.03 -17.63
C ALA A 217 -15.92 -20.54 -19.06
N MET A 218 -15.34 -21.33 -19.99
CA MET A 218 -15.28 -20.98 -21.41
C MET A 218 -16.67 -20.87 -22.00
N LYS A 219 -17.58 -21.76 -21.59
CA LYS A 219 -18.98 -21.73 -22.01
C LYS A 219 -19.73 -20.55 -21.39
N ALA A 220 -19.52 -20.31 -20.06
CA ALA A 220 -20.19 -19.22 -19.37
C ALA A 220 -19.75 -17.80 -19.80
N VAL A 221 -18.45 -17.59 -20.14
CA VAL A 221 -17.95 -16.26 -20.57
C VAL A 221 -18.11 -16.02 -22.11
N SER A 222 -18.63 -16.99 -22.87
CA SER A 222 -18.76 -16.90 -24.33
C SER A 222 -19.57 -15.70 -24.78
N GLY A 223 -18.88 -14.82 -25.51
CA GLY A 223 -19.42 -13.58 -26.04
C GLY A 223 -19.27 -12.41 -25.10
N ILE A 224 -18.93 -12.69 -23.82
CA ILE A 224 -18.72 -11.70 -22.74
C ILE A 224 -17.22 -11.43 -22.51
N VAL A 225 -16.45 -12.49 -22.31
CA VAL A 225 -15.01 -12.42 -22.07
C VAL A 225 -14.30 -13.26 -23.13
N HIS A 226 -13.34 -12.65 -23.82
CA HIS A 226 -12.53 -13.32 -24.83
C HIS A 226 -11.21 -13.59 -24.12
N MET A 227 -10.34 -12.55 -24.00
CA MET A 227 -9.12 -12.51 -23.18
C MET A 227 -8.18 -13.74 -23.16
N GLN A 228 -7.18 -13.64 -22.27
CA GLN A 228 -6.19 -14.68 -21.97
C GLN A 228 -6.76 -15.57 -20.84
N ALA A 229 -7.03 -16.84 -21.16
CA ALA A 229 -7.56 -17.80 -20.19
C ALA A 229 -6.40 -18.69 -19.78
N ALA A 230 -6.07 -18.67 -18.48
CA ALA A 230 -4.95 -19.44 -17.96
C ALA A 230 -5.19 -20.95 -18.06
N PRO A 231 -4.16 -21.76 -18.39
CA PRO A 231 -4.42 -23.21 -18.52
C PRO A 231 -4.75 -23.87 -17.17
N LYS A 232 -5.80 -24.72 -17.19
CA LYS A 232 -6.33 -25.44 -16.03
C LYS A 232 -5.31 -26.37 -15.35
N GLU A 233 -4.42 -26.98 -16.15
CA GLU A 233 -3.38 -27.91 -15.68
C GLU A 233 -2.39 -27.20 -14.78
N GLU A 234 -1.85 -26.05 -15.22
CA GLU A 234 -0.89 -25.27 -14.44
C GLU A 234 -1.60 -24.68 -13.22
N CYS A 235 -2.88 -24.28 -13.38
CA CYS A 235 -3.68 -23.74 -12.28
C CYS A 235 -3.76 -24.77 -11.14
N ALA A 236 -4.15 -26.01 -11.51
CA ALA A 236 -4.31 -27.16 -10.64
C ALA A 236 -3.04 -27.46 -9.87
N LEU A 237 -1.86 -27.32 -10.52
CA LEU A 237 -0.55 -27.56 -9.91
C LEU A 237 -0.18 -26.46 -8.94
N GLU A 238 -0.40 -25.19 -9.33
CA GLU A 238 -0.12 -24.03 -8.48
C GLU A 238 -0.90 -24.04 -7.17
N ILE A 239 -2.12 -24.58 -7.18
CA ILE A 239 -2.96 -24.73 -5.98
C ILE A 239 -2.32 -25.75 -5.05
N ILE A 240 -1.98 -26.95 -5.59
CA ILE A 240 -1.33 -28.04 -4.87
C ILE A 240 -0.02 -27.58 -4.21
N LYS A 241 0.82 -26.88 -4.99
CA LYS A 241 2.10 -26.34 -4.55
C LYS A 241 1.94 -25.42 -3.35
N GLY A 242 0.99 -24.47 -3.44
CA GLY A 242 0.70 -23.52 -2.35
C GLY A 242 0.30 -24.23 -1.07
N GLY A 243 -0.52 -25.27 -1.22
CA GLY A 243 -0.98 -26.11 -0.13
C GLY A 243 0.16 -26.90 0.50
N ALA A 244 1.00 -27.56 -0.36
CA ALA A 244 2.16 -28.32 0.11
C ALA A 244 3.20 -27.42 0.80
N LEU A 245 3.39 -26.18 0.29
CA LEU A 245 4.30 -25.18 0.85
C LEU A 245 3.69 -24.41 2.01
N ARG A 246 2.40 -24.69 2.32
CA ARG A 246 1.66 -24.10 3.45
C ARG A 246 1.58 -22.58 3.37
N GLN A 247 1.47 -22.07 2.12
CA GLN A 247 1.35 -20.64 1.86
C GLN A 247 -0.05 -20.21 2.22
N GLU A 248 -0.19 -19.03 2.79
CA GLU A 248 -1.47 -18.47 3.19
C GLU A 248 -2.36 -18.21 1.99
N GLU A 249 -1.77 -17.65 0.91
CA GLU A 249 -2.49 -17.32 -0.31
C GLU A 249 -1.71 -17.67 -1.57
N VAL A 250 -2.44 -18.06 -2.62
CA VAL A 250 -1.94 -18.39 -3.94
C VAL A 250 -2.68 -17.47 -4.91
N TYR A 251 -1.95 -16.86 -5.84
CA TYR A 251 -2.51 -16.01 -6.88
C TYR A 251 -2.18 -16.58 -8.22
N TYR A 252 -3.21 -16.82 -9.04
CA TYR A 252 -3.01 -17.38 -10.36
C TYR A 252 -3.93 -16.74 -11.38
N ASP A 253 -3.33 -15.92 -12.25
CA ASP A 253 -3.98 -15.17 -13.33
C ASP A 253 -2.99 -15.00 -14.51
N SER A 254 -3.54 -14.89 -15.73
CA SER A 254 -2.73 -14.68 -16.95
C SER A 254 -2.16 -13.25 -17.06
N SER A 255 -2.82 -12.24 -16.46
CA SER A 255 -2.37 -10.85 -16.52
C SER A 255 -1.30 -10.54 -15.49
N ARG A 256 -0.20 -9.87 -15.94
CA ARG A 256 0.93 -9.44 -15.11
C ARG A 256 0.49 -8.29 -14.17
N TRP A 257 -0.48 -7.47 -14.64
CA TRP A 257 -1.05 -6.35 -13.89
C TRP A 257 -1.85 -6.83 -12.69
N THR A 258 -2.52 -7.98 -12.84
CA THR A 258 -3.29 -8.58 -11.77
C THR A 258 -2.38 -9.04 -10.65
N THR A 259 -1.33 -9.80 -10.98
CA THR A 259 -0.37 -10.30 -10.00
C THR A 259 0.31 -9.15 -9.25
N LEU A 260 0.54 -8.03 -9.96
CA LEU A 260 1.11 -6.79 -9.43
C LEU A 260 0.17 -6.06 -8.44
N LEU A 261 -1.15 -6.10 -8.69
CA LEU A 261 -2.13 -5.32 -7.89
C LEU A 261 -2.99 -6.10 -6.91
N ILE A 262 -3.08 -7.42 -7.05
CA ILE A 262 -3.96 -8.27 -6.24
C ILE A 262 -3.58 -8.33 -4.75
N ARG A 263 -2.30 -8.29 -4.43
CA ARG A 263 -1.84 -8.35 -3.06
C ARG A 263 -2.27 -7.12 -2.27
N ASN A 264 -2.55 -7.32 -0.98
CA ASN A 264 -2.92 -6.22 -0.10
C ASN A 264 -1.94 -6.15 1.09
N PRO A 265 -0.76 -5.53 0.87
CA PRO A 265 0.23 -5.42 1.97
C PRO A 265 -0.28 -4.63 3.16
N CYS A 266 -1.11 -3.61 2.93
CA CYS A 266 -1.69 -2.80 4.01
C CYS A 266 -2.62 -3.61 4.92
N ARG A 267 -3.30 -4.64 4.37
CA ARG A 267 -4.17 -5.53 5.13
C ARG A 267 -3.30 -6.32 6.11
N LYS A 268 -2.16 -6.85 5.62
CA LYS A 268 -1.23 -7.62 6.46
C LYS A 268 -0.63 -6.76 7.58
N ILE A 269 -0.25 -5.51 7.26
CA ILE A 269 0.27 -4.55 8.26
C ILE A 269 -0.78 -4.26 9.36
N LEU A 270 -2.04 -3.90 8.95
CA LEU A 270 -3.13 -3.65 9.90
C LEU A 270 -3.39 -4.83 10.82
N GLU A 271 -3.46 -6.05 10.26
CA GLU A 271 -3.68 -7.28 11.04
C GLU A 271 -2.57 -7.49 12.09
N GLU A 272 -1.32 -7.18 11.72
CA GLU A 272 -0.17 -7.31 12.61
C GLU A 272 -0.23 -6.26 13.73
N LEU A 273 -0.66 -5.03 13.39
CA LEU A 273 -0.85 -3.96 14.35
C LEU A 273 -1.90 -4.27 15.44
N TYR A 274 -3.00 -4.96 15.05
CA TYR A 274 -4.06 -5.36 15.99
C TYR A 274 -3.72 -6.64 16.75
N SER A 275 -2.65 -7.36 16.34
CA SER A 275 -2.21 -8.63 16.96
C SER A 275 -1.93 -8.51 18.47
N THR A 276 -1.55 -7.31 18.94
CA THR A 276 -1.22 -7.03 20.34
C THR A 276 -2.41 -6.43 21.15
N SER A 277 -3.65 -6.67 20.68
CA SER A 277 -4.87 -6.19 21.31
C SER A 277 -5.68 -7.32 21.95
N TYR A 278 -5.28 -8.58 21.74
CA TYR A 278 -6.01 -9.72 22.32
C TYR A 278 -5.25 -10.40 23.44
N ASN A 279 -6.02 -10.96 24.41
CA ASN A 279 -5.61 -11.71 25.61
C ASN A 279 -5.24 -13.17 25.27
N MET A 280 -6.24 -13.97 24.77
CA MET A 280 -6.21 -15.39 24.34
C MET A 280 -6.31 -16.44 25.47
N ASP A 281 -5.61 -16.22 26.60
CA ASP A 281 -5.56 -17.12 27.75
C ASP A 281 -6.94 -17.34 28.38
N ALA B 5 -45.46 24.58 1.04
CA ALA B 5 -45.14 23.21 0.62
C ALA B 5 -45.57 22.95 -0.84
N SER B 6 -46.85 23.23 -1.19
CA SER B 6 -47.38 23.07 -2.55
C SER B 6 -46.85 24.18 -3.47
N MET B 7 -46.50 25.34 -2.85
CA MET B 7 -45.95 26.53 -3.51
C MET B 7 -44.41 26.57 -3.41
N THR B 8 -43.79 25.44 -3.02
CA THR B 8 -42.34 25.28 -2.83
C THR B 8 -41.73 24.21 -3.75
N GLY B 9 -40.54 24.50 -4.25
CA GLY B 9 -39.76 23.63 -5.12
C GLY B 9 -38.30 24.04 -5.18
N GLY B 10 -37.47 23.12 -5.68
CA GLY B 10 -36.02 23.30 -5.78
C GLY B 10 -35.26 22.08 -5.32
N GLN B 11 -33.96 22.24 -5.02
CA GLN B 11 -33.08 21.14 -4.60
C GLN B 11 -32.00 21.58 -3.60
N GLN B 12 -31.71 20.72 -2.60
CA GLN B 12 -30.64 20.95 -1.59
C GLN B 12 -29.25 20.62 -2.17
N MET B 13 -29.19 19.73 -3.20
CA MET B 13 -27.93 19.24 -3.80
C MET B 13 -27.45 20.01 -5.02
N GLY B 14 -26.47 20.90 -4.81
CA GLY B 14 -25.88 21.73 -5.85
C GLY B 14 -24.36 21.68 -5.81
N ARG B 15 -23.68 22.81 -6.06
CA ARG B 15 -22.20 22.89 -6.04
C ARG B 15 -21.63 22.56 -4.65
N GLY B 16 -20.68 21.62 -4.63
CA GLY B 16 -20.03 21.14 -3.43
C GLY B 16 -20.84 20.18 -2.57
N SER B 17 -22.08 19.86 -2.99
CA SER B 17 -22.98 18.97 -2.25
C SER B 17 -22.56 17.49 -2.26
N ASN B 18 -21.59 17.10 -3.11
CA ASN B 18 -21.05 15.75 -3.17
C ASN B 18 -19.84 15.64 -2.21
N GLU B 19 -19.40 16.79 -1.64
CA GLU B 19 -18.25 16.89 -0.75
C GLU B 19 -18.57 17.47 0.65
N GLU B 20 -19.50 18.44 0.73
CA GLU B 20 -19.83 19.07 2.02
C GLU B 20 -21.26 18.79 2.49
N PHE B 21 -21.36 18.02 3.58
CA PHE B 21 -22.64 17.65 4.18
C PHE B 21 -23.30 18.80 4.94
N ARG B 22 -24.64 18.82 4.92
CA ARG B 22 -25.48 19.76 5.64
C ARG B 22 -26.67 18.96 6.20
N PRO B 23 -27.09 19.15 7.48
CA PRO B 23 -28.25 18.39 7.99
C PRO B 23 -29.54 18.54 7.18
N GLU B 24 -29.66 19.62 6.39
CA GLU B 24 -30.80 19.95 5.52
C GLU B 24 -30.99 18.95 4.38
N MET B 25 -29.91 18.21 4.01
CA MET B 25 -29.96 17.16 2.98
C MET B 25 -30.91 16.03 3.37
N LEU B 26 -31.17 15.85 4.69
CA LEU B 26 -32.06 14.81 5.24
C LEU B 26 -33.45 15.31 5.58
N GLN B 27 -33.68 16.65 5.52
CA GLN B 27 -34.98 17.28 5.80
C GLN B 27 -36.03 16.76 4.85
N GLY B 28 -37.07 16.13 5.43
CA GLY B 28 -38.17 15.53 4.70
C GLY B 28 -37.88 14.22 3.98
N LYS B 29 -36.68 13.65 4.17
CA LYS B 29 -36.31 12.36 3.53
C LYS B 29 -36.96 11.19 4.25
N LYS B 30 -37.30 10.15 3.50
CA LYS B 30 -37.99 8.95 4.01
C LYS B 30 -36.93 7.87 4.23
N VAL B 31 -36.62 7.60 5.52
CA VAL B 31 -35.54 6.70 5.91
C VAL B 31 -35.96 5.52 6.77
N ILE B 32 -35.42 4.34 6.42
CA ILE B 32 -35.57 3.10 7.20
C ILE B 32 -34.24 2.91 7.95
N VAL B 33 -34.30 2.58 9.24
CA VAL B 33 -33.12 2.24 10.03
C VAL B 33 -33.43 0.90 10.69
N THR B 34 -32.65 -0.17 10.35
CA THR B 34 -32.82 -1.49 10.98
C THR B 34 -31.93 -1.56 12.23
N GLY B 35 -32.24 -2.48 13.16
CA GLY B 35 -31.54 -2.59 14.44
C GLY B 35 -31.40 -1.23 15.11
N ALA B 36 -32.52 -0.49 15.19
CA ALA B 36 -32.55 0.88 15.68
C ALA B 36 -33.15 1.08 17.09
N SER B 37 -33.27 -0.01 17.87
CA SER B 37 -33.78 0.10 19.24
C SER B 37 -32.65 0.49 20.20
N LYS B 38 -31.40 0.14 19.85
CA LYS B 38 -30.22 0.47 20.65
C LYS B 38 -28.98 0.70 19.78
N GLY B 39 -27.87 1.03 20.42
CA GLY B 39 -26.57 1.27 19.80
C GLY B 39 -26.52 2.32 18.72
N ILE B 40 -25.74 2.04 17.66
CA ILE B 40 -25.51 2.91 16.52
C ILE B 40 -26.82 3.20 15.76
N GLY B 41 -27.64 2.18 15.60
CA GLY B 41 -28.95 2.30 14.95
C GLY B 41 -29.86 3.34 15.58
N ARG B 42 -29.95 3.31 16.93
CA ARG B 42 -30.74 4.28 17.71
C ARG B 42 -30.16 5.70 17.55
N GLU B 43 -28.82 5.82 17.61
CA GLU B 43 -28.12 7.08 17.42
C GLU B 43 -28.42 7.69 16.03
N MET B 44 -28.49 6.84 15.00
CA MET B 44 -28.84 7.25 13.62
C MET B 44 -30.28 7.74 13.56
N ALA B 45 -31.23 7.04 14.21
CA ALA B 45 -32.64 7.43 14.26
C ALA B 45 -32.77 8.83 14.87
N TYR B 46 -32.04 9.08 15.98
CA TYR B 46 -31.99 10.35 16.71
C TYR B 46 -31.41 11.50 15.85
N HIS B 47 -30.28 11.26 15.13
CA HIS B 47 -29.69 12.26 14.25
C HIS B 47 -30.67 12.62 13.12
N LEU B 48 -31.32 11.60 12.51
CA LEU B 48 -32.28 11.78 11.41
C LEU B 48 -33.51 12.57 11.84
N ALA B 49 -33.99 12.31 13.07
CA ALA B 49 -35.10 13.00 13.70
C ALA B 49 -34.78 14.51 13.84
N LYS B 50 -33.57 14.83 14.36
CA LYS B 50 -33.06 16.21 14.52
C LYS B 50 -32.93 16.93 13.18
N MET B 51 -32.69 16.17 12.10
CA MET B 51 -32.58 16.70 10.73
C MET B 51 -33.94 16.88 10.04
N GLY B 52 -35.01 16.47 10.70
CA GLY B 52 -36.36 16.60 10.18
C GLY B 52 -36.73 15.59 9.12
N ALA B 53 -36.19 14.36 9.23
CA ALA B 53 -36.50 13.26 8.31
C ALA B 53 -37.72 12.48 8.83
N HIS B 54 -38.36 11.72 7.93
CA HIS B 54 -39.42 10.78 8.26
C HIS B 54 -38.67 9.48 8.53
N VAL B 55 -38.92 8.82 9.66
CA VAL B 55 -38.20 7.60 10.00
C VAL B 55 -39.11 6.43 10.32
N VAL B 56 -38.68 5.23 9.93
CA VAL B 56 -39.30 3.96 10.29
C VAL B 56 -38.16 3.12 10.82
N VAL B 57 -38.26 2.79 12.10
CA VAL B 57 -37.26 2.01 12.83
C VAL B 57 -37.72 0.58 13.02
N THR B 58 -36.78 -0.37 13.08
CA THR B 58 -37.10 -1.77 13.32
C THR B 58 -36.04 -2.44 14.19
N ALA B 59 -36.47 -3.50 14.88
CA ALA B 59 -35.74 -4.38 15.79
C ALA B 59 -36.81 -5.36 16.31
N ARG B 60 -36.47 -6.30 17.19
CA ARG B 60 -37.46 -7.25 17.65
C ARG B 60 -38.33 -6.69 18.76
N SER B 61 -37.76 -5.90 19.69
CA SER B 61 -38.43 -5.33 20.85
C SER B 61 -39.30 -4.12 20.53
N LYS B 62 -40.64 -4.28 20.69
CA LYS B 62 -41.60 -3.18 20.45
C LYS B 62 -41.49 -2.10 21.53
N GLU B 63 -41.18 -2.52 22.78
CA GLU B 63 -41.02 -1.66 23.95
C GLU B 63 -39.88 -0.65 23.79
N THR B 64 -38.68 -1.15 23.41
CA THR B 64 -37.50 -0.31 23.17
C THR B 64 -37.72 0.57 21.92
N LEU B 65 -38.41 0.01 20.86
CA LEU B 65 -38.74 0.74 19.63
C LEU B 65 -39.72 1.89 19.87
N GLN B 66 -40.64 1.75 20.84
CA GLN B 66 -41.61 2.77 21.24
C GLN B 66 -40.90 4.00 21.82
N LYS B 67 -39.91 3.76 22.71
CA LYS B 67 -39.10 4.78 23.35
C LYS B 67 -38.32 5.60 22.31
N VAL B 68 -37.72 4.92 21.31
CA VAL B 68 -36.94 5.52 20.21
C VAL B 68 -37.87 6.41 19.38
N VAL B 69 -39.08 5.88 19.02
CA VAL B 69 -40.09 6.63 18.27
C VAL B 69 -40.50 7.91 19.01
N SER B 70 -40.86 7.80 20.32
CA SER B 70 -41.26 8.95 21.15
C SER B 70 -40.18 10.03 21.20
N HIS B 71 -38.91 9.62 21.43
CA HIS B 71 -37.79 10.57 21.48
C HIS B 71 -37.52 11.19 20.11
N CYS B 72 -37.75 10.42 19.02
CA CYS B 72 -37.57 10.89 17.63
C CYS B 72 -38.51 12.04 17.33
N LEU B 73 -39.80 11.88 17.73
CA LEU B 73 -40.82 12.90 17.58
C LEU B 73 -40.44 14.17 18.36
N GLU B 74 -39.97 14.02 19.63
CA GLU B 74 -39.50 15.13 20.47
C GLU B 74 -38.34 15.90 19.80
N LEU B 75 -37.42 15.18 19.11
CA LEU B 75 -36.24 15.77 18.46
C LEU B 75 -36.55 16.55 17.19
N GLY B 76 -37.77 16.41 16.67
CA GLY B 76 -38.22 17.12 15.48
C GLY B 76 -38.36 16.27 14.22
N ALA B 77 -38.63 14.95 14.36
CA ALA B 77 -38.82 14.07 13.18
C ALA B 77 -40.10 14.46 12.45
N ALA B 78 -40.06 14.52 11.11
CA ALA B 78 -41.24 14.88 10.30
C ALA B 78 -42.39 13.92 10.60
N SER B 79 -42.03 12.64 10.87
CA SER B 79 -42.89 11.55 11.30
C SER B 79 -41.98 10.45 11.80
N ALA B 80 -42.47 9.60 12.69
CA ALA B 80 -41.70 8.49 13.27
C ALA B 80 -42.61 7.32 13.56
N HIS B 81 -42.23 6.13 13.09
CA HIS B 81 -42.96 4.88 13.27
C HIS B 81 -41.99 3.74 13.53
N TYR B 82 -42.50 2.63 14.10
CA TYR B 82 -41.74 1.41 14.31
C TYR B 82 -42.57 0.23 13.82
N ILE B 83 -41.88 -0.84 13.41
CA ILE B 83 -42.47 -2.12 13.05
C ILE B 83 -41.53 -3.12 13.67
N ALA B 84 -42.01 -3.91 14.62
CA ALA B 84 -41.19 -4.89 15.35
C ALA B 84 -41.25 -6.27 14.70
N GLY B 85 -40.10 -6.93 14.65
CA GLY B 85 -39.95 -8.27 14.08
C GLY B 85 -38.52 -8.75 13.98
N THR B 86 -38.35 -10.05 13.72
CA THR B 86 -37.03 -10.66 13.57
C THR B 86 -36.60 -10.77 12.11
N MET B 87 -35.34 -10.36 11.84
CA MET B 87 -34.73 -10.42 10.53
C MET B 87 -34.22 -11.83 10.19
N GLU B 88 -34.54 -12.82 11.04
CA GLU B 88 -34.32 -14.25 10.78
C GLU B 88 -35.42 -14.69 9.81
N ASP B 89 -36.55 -13.97 9.83
CA ASP B 89 -37.76 -14.22 9.05
C ASP B 89 -37.72 -13.37 7.79
N MET B 90 -37.41 -14.01 6.66
CA MET B 90 -37.30 -13.39 5.35
C MET B 90 -38.66 -12.82 4.86
N THR B 91 -39.79 -13.41 5.34
CA THR B 91 -41.14 -12.94 5.02
C THR B 91 -41.37 -11.58 5.72
N PHE B 92 -40.99 -11.47 7.00
CA PHE B 92 -41.08 -10.23 7.76
C PHE B 92 -40.27 -9.14 7.09
N ALA B 93 -39.01 -9.44 6.73
CA ALA B 93 -38.11 -8.46 6.11
C ALA B 93 -38.75 -7.88 4.85
N GLU B 94 -39.26 -8.76 3.96
CA GLU B 94 -39.92 -8.35 2.72
C GLU B 94 -41.16 -7.49 2.98
N GLN B 95 -42.03 -7.92 3.90
CA GLN B 95 -43.29 -7.26 4.28
C GLN B 95 -43.02 -5.91 4.96
N PHE B 96 -42.01 -5.87 5.83
CA PHE B 96 -41.57 -4.68 6.58
C PHE B 96 -41.29 -3.48 5.66
N VAL B 97 -40.59 -3.68 4.55
CA VAL B 97 -40.25 -2.61 3.61
C VAL B 97 -41.51 -2.03 2.93
N ALA B 98 -42.44 -2.92 2.48
CA ALA B 98 -43.70 -2.51 1.84
C ALA B 98 -44.52 -1.65 2.80
N GLN B 99 -44.67 -2.10 4.08
CA GLN B 99 -45.39 -1.38 5.15
C GLN B 99 -44.73 -0.08 5.54
N ALA B 100 -43.37 -0.06 5.65
CA ALA B 100 -42.61 1.16 5.98
C ALA B 100 -42.79 2.19 4.85
N GLY B 101 -42.74 1.72 3.60
CA GLY B 101 -42.93 2.54 2.41
C GLY B 101 -44.33 3.15 2.32
N LYS B 102 -45.34 2.38 2.76
CA LYS B 102 -46.74 2.80 2.79
C LYS B 102 -46.92 3.90 3.86
N LEU B 103 -46.25 3.75 5.03
CA LEU B 103 -46.30 4.72 6.12
C LEU B 103 -45.70 6.08 5.74
N MET B 104 -44.63 6.05 4.93
CA MET B 104 -43.93 7.28 4.56
C MET B 104 -44.32 7.82 3.18
N GLY B 105 -44.97 7.00 2.37
CA GLY B 105 -45.33 7.37 1.01
C GLY B 105 -44.13 7.36 0.09
N GLY B 106 -43.23 6.40 0.34
CA GLY B 106 -42.00 6.23 -0.42
C GLY B 106 -40.79 5.94 0.44
N LEU B 107 -39.60 5.92 -0.22
CA LEU B 107 -38.35 5.63 0.46
C LEU B 107 -37.19 6.29 -0.24
N ASP B 108 -36.37 7.02 0.54
CA ASP B 108 -35.17 7.70 0.04
C ASP B 108 -33.91 7.00 0.48
N MET B 109 -33.89 6.47 1.69
CA MET B 109 -32.68 5.84 2.23
C MET B 109 -33.00 4.62 3.05
N LEU B 110 -32.29 3.53 2.76
CA LEU B 110 -32.41 2.25 3.46
C LEU B 110 -31.13 2.03 4.24
N ILE B 111 -31.22 2.10 5.57
CA ILE B 111 -30.06 1.87 6.44
C ILE B 111 -30.13 0.48 7.07
N LEU B 112 -29.25 -0.41 6.60
CA LEU B 112 -29.13 -1.83 6.97
C LEU B 112 -28.05 -1.94 8.02
N ASN B 113 -28.46 -2.14 9.27
CA ASN B 113 -27.60 -2.05 10.46
C ASN B 113 -27.70 -3.21 11.43
N HIS B 114 -28.83 -3.90 11.51
CA HIS B 114 -29.01 -5.03 12.45
C HIS B 114 -28.03 -6.18 12.23
N ILE B 115 -27.76 -6.90 13.29
CA ILE B 115 -26.95 -8.13 13.24
C ILE B 115 -27.57 -9.11 14.25
N THR B 116 -27.25 -10.39 14.11
CA THR B 116 -27.64 -11.40 15.09
C THR B 116 -26.67 -11.24 16.29
N ASN B 117 -27.12 -11.52 17.52
CA ASN B 117 -26.27 -11.45 18.71
C ASN B 117 -25.03 -12.33 18.51
N THR B 118 -23.84 -11.75 18.72
CA THR B 118 -22.54 -12.43 18.54
C THR B 118 -21.56 -12.08 19.67
N SER B 119 -20.66 -13.02 19.98
CA SER B 119 -19.65 -12.87 21.03
C SER B 119 -18.24 -13.22 20.53
N LEU B 120 -17.21 -12.97 21.35
CA LEU B 120 -15.84 -13.29 20.99
C LEU B 120 -15.55 -14.72 21.42
N ASN B 121 -15.41 -15.60 20.44
CA ASN B 121 -15.18 -17.02 20.70
C ASN B 121 -14.37 -17.61 19.60
N LEU B 122 -13.55 -18.60 19.93
CA LEU B 122 -12.79 -19.34 18.92
C LEU B 122 -13.78 -20.24 18.20
N PHE B 123 -13.56 -20.48 16.92
CA PHE B 123 -14.42 -21.36 16.16
C PHE B 123 -14.06 -22.81 16.40
N HIS B 124 -15.06 -23.61 16.72
CA HIS B 124 -14.91 -25.04 16.93
C HIS B 124 -15.90 -25.82 16.06
N ASP B 125 -17.19 -25.76 16.37
CA ASP B 125 -18.17 -26.52 15.59
C ASP B 125 -19.55 -25.87 15.56
N ASP B 126 -19.65 -24.60 15.91
CA ASP B 126 -20.93 -23.93 15.92
C ASP B 126 -21.36 -23.47 14.52
N ILE B 127 -21.76 -24.45 13.66
CA ILE B 127 -22.27 -24.22 12.31
C ILE B 127 -23.60 -23.45 12.36
N HIS B 128 -24.39 -23.63 13.45
CA HIS B 128 -25.66 -22.93 13.65
C HIS B 128 -25.44 -21.42 13.76
N HIS B 129 -24.38 -20.99 14.49
CA HIS B 129 -24.03 -19.57 14.57
C HIS B 129 -23.53 -19.05 13.20
N VAL B 130 -22.79 -19.89 12.44
CA VAL B 130 -22.30 -19.54 11.10
C VAL B 130 -23.51 -19.31 10.17
N ARG B 131 -24.46 -20.26 10.15
CA ARG B 131 -25.68 -20.14 9.33
C ARG B 131 -26.55 -18.96 9.72
N LYS B 132 -26.80 -18.77 11.04
CA LYS B 132 -27.63 -17.67 11.54
C LYS B 132 -27.02 -16.31 11.20
N SER B 133 -25.69 -16.18 11.34
CA SER B 133 -24.94 -14.97 10.99
C SER B 133 -25.11 -14.67 9.51
N MET B 134 -24.99 -15.69 8.65
CA MET B 134 -25.19 -15.48 7.20
C MET B 134 -26.63 -15.04 6.88
N GLU B 135 -27.61 -15.68 7.51
CA GLU B 135 -29.03 -15.39 7.34
C GLU B 135 -29.40 -13.97 7.78
N VAL B 136 -29.09 -13.60 9.03
CA VAL B 136 -29.43 -12.31 9.62
C VAL B 136 -28.55 -11.17 9.12
N ASN B 137 -27.22 -11.33 9.22
CA ASN B 137 -26.32 -10.25 8.85
C ASN B 137 -26.17 -10.00 7.37
N PHE B 138 -26.48 -11.00 6.55
CA PHE B 138 -26.26 -10.86 5.12
C PHE B 138 -27.52 -11.07 4.28
N LEU B 139 -28.10 -12.26 4.34
CA LEU B 139 -29.26 -12.61 3.52
C LEU B 139 -30.46 -11.70 3.70
N SER B 140 -30.80 -11.34 4.95
CA SER B 140 -31.89 -10.39 5.21
C SER B 140 -31.63 -9.02 4.55
N TYR B 141 -30.36 -8.57 4.48
CA TYR B 141 -29.96 -7.31 3.84
C TYR B 141 -30.26 -7.37 2.35
N VAL B 142 -30.02 -8.53 1.72
CA VAL B 142 -30.32 -8.77 0.29
C VAL B 142 -31.86 -8.71 0.07
N VAL B 143 -32.63 -9.39 0.96
CA VAL B 143 -34.10 -9.44 0.89
C VAL B 143 -34.68 -8.03 1.04
N LEU B 144 -34.17 -7.26 2.03
CA LEU B 144 -34.58 -5.88 2.29
C LEU B 144 -34.29 -5.00 1.09
N THR B 145 -33.12 -5.17 0.44
CA THR B 145 -32.70 -4.44 -0.77
C THR B 145 -33.66 -4.71 -1.94
N VAL B 146 -34.01 -6.00 -2.18
CA VAL B 146 -34.92 -6.41 -3.26
C VAL B 146 -36.30 -5.75 -3.08
N ALA B 147 -36.83 -5.81 -1.85
CA ALA B 147 -38.12 -5.23 -1.48
C ALA B 147 -38.13 -3.69 -1.64
N ALA B 148 -36.99 -3.03 -1.32
CA ALA B 148 -36.81 -1.57 -1.33
C ALA B 148 -36.44 -0.94 -2.67
N LEU B 149 -35.80 -1.71 -3.58
CA LEU B 149 -35.29 -1.17 -4.84
C LEU B 149 -36.33 -0.41 -5.72
N PRO B 150 -37.57 -0.91 -5.97
CA PRO B 150 -38.50 -0.11 -6.79
C PRO B 150 -38.71 1.32 -6.25
N MET B 151 -38.93 1.48 -4.93
CA MET B 151 -39.08 2.80 -4.29
C MET B 151 -37.82 3.63 -4.36
N LEU B 152 -36.64 2.97 -4.24
CA LEU B 152 -35.33 3.64 -4.30
C LEU B 152 -35.02 4.13 -5.69
N LYS B 153 -35.45 3.38 -6.70
CA LYS B 153 -35.27 3.76 -8.10
C LYS B 153 -36.10 5.01 -8.41
N GLN B 154 -37.30 5.09 -7.85
CA GLN B 154 -38.27 6.18 -8.01
C GLN B 154 -37.72 7.49 -7.39
N SER B 155 -37.06 7.39 -6.23
CA SER B 155 -36.51 8.54 -5.53
C SER B 155 -35.05 8.83 -5.83
N ASN B 156 -34.36 7.97 -6.63
CA ASN B 156 -32.91 8.03 -6.90
C ASN B 156 -32.21 8.00 -5.52
N GLY B 157 -32.64 7.04 -4.72
CA GLY B 157 -32.28 6.86 -3.34
C GLY B 157 -30.91 6.29 -3.00
N SER B 158 -30.79 5.84 -1.74
CA SER B 158 -29.53 5.35 -1.18
C SER B 158 -29.67 4.13 -0.30
N ILE B 159 -28.72 3.21 -0.43
CA ILE B 159 -28.61 2.02 0.42
C ILE B 159 -27.37 2.24 1.28
N VAL B 160 -27.52 2.11 2.59
CA VAL B 160 -26.39 2.26 3.52
C VAL B 160 -26.24 0.91 4.24
N VAL B 161 -25.07 0.28 4.07
CA VAL B 161 -24.74 -1.05 4.60
C VAL B 161 -23.73 -0.90 5.75
N VAL B 162 -24.14 -1.25 6.95
CA VAL B 162 -23.25 -1.16 8.10
C VAL B 162 -22.41 -2.44 8.20
N SER B 163 -21.10 -2.27 7.96
CA SER B 163 -20.12 -3.35 8.04
C SER B 163 -19.12 -3.07 9.19
N SER B 164 -17.92 -3.63 9.11
CA SER B 164 -16.96 -3.59 10.18
C SER B 164 -15.54 -3.72 9.60
N LEU B 165 -14.49 -3.39 10.39
CA LEU B 165 -13.09 -3.59 9.97
C LEU B 165 -12.89 -5.09 9.78
N ALA B 166 -13.66 -5.93 10.53
CA ALA B 166 -13.66 -7.41 10.44
C ALA B 166 -14.35 -7.87 9.12
N GLY B 167 -14.85 -6.92 8.33
CA GLY B 167 -15.40 -7.11 7.01
C GLY B 167 -14.44 -6.68 5.91
N LYS B 168 -13.20 -6.32 6.29
CA LYS B 168 -12.14 -5.90 5.35
C LYS B 168 -10.80 -6.60 5.65
N VAL B 169 -10.53 -6.91 6.93
CA VAL B 169 -9.31 -7.58 7.38
C VAL B 169 -9.68 -8.72 8.34
N ALA B 170 -8.76 -9.67 8.55
CA ALA B 170 -8.98 -10.82 9.40
C ALA B 170 -8.68 -10.55 10.86
N TYR B 171 -9.56 -11.03 11.74
CA TYR B 171 -9.42 -10.95 13.19
C TYR B 171 -9.77 -12.32 13.74
N PRO B 172 -9.06 -12.83 14.76
CA PRO B 172 -9.49 -14.11 15.37
C PRO B 172 -10.74 -13.86 16.23
N MET B 173 -11.49 -14.96 16.55
CA MET B 173 -12.66 -14.99 17.45
C MET B 173 -13.97 -14.45 16.86
N VAL B 174 -13.95 -14.09 15.57
CA VAL B 174 -15.13 -13.53 14.86
C VAL B 174 -15.28 -14.17 13.48
N ALA B 175 -14.95 -15.46 13.34
CA ALA B 175 -15.00 -16.14 12.03
C ALA B 175 -16.38 -16.05 11.32
N ALA B 176 -17.48 -16.41 12.01
CA ALA B 176 -18.85 -16.39 11.43
C ALA B 176 -19.28 -14.95 11.10
N TYR B 177 -19.02 -14.05 12.05
CA TYR B 177 -19.36 -12.63 11.94
C TYR B 177 -18.63 -11.99 10.76
N SER B 178 -17.33 -12.25 10.67
CA SER B 178 -16.42 -11.72 9.65
C SER B 178 -16.80 -12.24 8.25
N ALA B 179 -17.15 -13.52 8.14
CA ALA B 179 -17.65 -14.12 6.88
C ALA B 179 -18.88 -13.36 6.39
N SER B 180 -19.83 -13.07 7.29
CA SER B 180 -21.07 -12.35 6.93
C SER B 180 -20.79 -10.89 6.49
N LYS B 181 -19.78 -10.24 7.09
CA LYS B 181 -19.39 -8.86 6.77
C LYS B 181 -18.61 -8.78 5.45
N PHE B 182 -17.74 -9.78 5.21
CA PHE B 182 -17.01 -9.90 3.95
C PHE B 182 -18.05 -10.13 2.82
N ALA B 183 -19.03 -11.06 3.03
CA ALA B 183 -20.12 -11.36 2.09
C ALA B 183 -20.88 -10.08 1.65
N LEU B 184 -21.15 -9.15 2.59
CA LEU B 184 -21.80 -7.87 2.30
C LEU B 184 -20.99 -7.04 1.27
N ASP B 185 -19.65 -6.98 1.46
CA ASP B 185 -18.75 -6.26 0.54
C ASP B 185 -18.82 -6.87 -0.85
N GLY B 186 -18.67 -8.19 -0.94
CA GLY B 186 -18.77 -8.90 -2.20
C GLY B 186 -20.09 -8.69 -2.92
N PHE B 187 -21.20 -8.81 -2.20
CA PHE B 187 -22.52 -8.63 -2.79
C PHE B 187 -22.80 -7.21 -3.22
N PHE B 188 -22.72 -6.25 -2.27
CA PHE B 188 -23.07 -4.86 -2.54
C PHE B 188 -22.08 -4.14 -3.47
N SER B 189 -20.80 -4.57 -3.51
CA SER B 189 -19.84 -3.93 -4.41
C SER B 189 -20.07 -4.40 -5.85
N SER B 190 -20.59 -5.62 -6.00
CA SER B 190 -20.92 -6.21 -7.31
C SER B 190 -22.17 -5.52 -7.89
N ILE B 191 -23.25 -5.41 -7.09
CA ILE B 191 -24.48 -4.77 -7.56
C ILE B 191 -24.26 -3.27 -7.83
N ARG B 192 -23.32 -2.61 -7.10
CA ARG B 192 -23.00 -1.22 -7.36
C ARG B 192 -22.45 -1.06 -8.81
N LYS B 193 -21.57 -1.97 -9.25
CA LYS B 193 -21.01 -1.99 -10.61
C LYS B 193 -22.12 -2.24 -11.65
N GLU B 194 -23.09 -3.12 -11.33
CA GLU B 194 -24.25 -3.42 -12.18
C GLU B 194 -25.14 -2.21 -12.33
N TYR B 195 -25.41 -1.48 -11.22
CA TYR B 195 -26.26 -0.27 -11.20
C TYR B 195 -25.63 0.82 -12.05
N SER B 196 -24.30 0.91 -12.03
CA SER B 196 -23.52 1.87 -12.79
C SER B 196 -23.71 1.68 -14.30
N VAL B 197 -23.56 0.43 -14.79
CA VAL B 197 -23.71 0.13 -16.22
C VAL B 197 -25.20 0.12 -16.65
N SER B 198 -26.14 -0.16 -15.72
CA SER B 198 -27.58 -0.21 -15.99
C SER B 198 -28.24 1.13 -15.78
N ARG B 199 -27.46 2.14 -15.34
CA ARG B 199 -27.89 3.50 -15.05
C ARG B 199 -29.04 3.54 -14.01
N VAL B 200 -28.90 2.70 -12.95
CA VAL B 200 -29.81 2.66 -11.80
C VAL B 200 -29.18 3.69 -10.83
N ASN B 201 -29.86 4.83 -10.65
CA ASN B 201 -29.36 5.93 -9.82
C ASN B 201 -29.62 5.72 -8.32
N VAL B 202 -29.17 4.57 -7.79
CA VAL B 202 -29.28 4.20 -6.37
C VAL B 202 -27.88 4.01 -5.84
N SER B 203 -27.46 4.87 -4.91
CA SER B 203 -26.10 4.78 -4.34
C SER B 203 -26.03 3.66 -3.28
N ILE B 204 -24.83 3.10 -3.09
CA ILE B 204 -24.55 2.05 -2.12
C ILE B 204 -23.34 2.48 -1.29
N THR B 205 -23.56 2.64 0.04
CA THR B 205 -22.52 3.05 1.00
C THR B 205 -22.19 1.93 1.97
N LEU B 206 -20.95 1.37 1.87
CA LEU B 206 -20.46 0.34 2.78
C LEU B 206 -19.68 1.04 3.89
N CYS B 207 -20.12 0.87 5.14
CA CYS B 207 -19.52 1.51 6.31
C CYS B 207 -18.64 0.56 7.07
N VAL B 208 -17.33 0.84 7.11
CA VAL B 208 -16.28 0.04 7.73
C VAL B 208 -15.93 0.68 9.06
N LEU B 209 -16.46 0.09 10.12
CA LEU B 209 -16.32 0.61 11.47
C LEU B 209 -15.37 -0.20 12.33
N GLY B 210 -14.64 0.52 13.18
CA GLY B 210 -13.78 -0.04 14.20
C GLY B 210 -14.61 -0.20 15.44
N LEU B 211 -13.98 -0.42 16.60
CA LEU B 211 -14.71 -0.57 17.87
C LEU B 211 -15.49 0.69 18.25
N ILE B 212 -16.80 0.53 18.52
CA ILE B 212 -17.71 1.61 18.88
C ILE B 212 -18.21 1.33 20.30
N ASP B 213 -18.30 2.39 21.14
CA ASP B 213 -18.67 2.27 22.55
C ASP B 213 -20.17 1.91 22.81
N THR B 214 -20.76 1.02 22.02
CA THR B 214 -22.15 0.58 22.31
C THR B 214 -22.06 -0.39 23.48
N GLU B 215 -23.13 -0.48 24.28
CA GLU B 215 -23.22 -1.37 25.44
C GLU B 215 -22.91 -2.82 25.06
N THR B 216 -23.43 -3.28 23.90
CA THR B 216 -23.20 -4.62 23.37
C THR B 216 -21.71 -4.85 23.09
N ALA B 217 -21.07 -3.91 22.37
CA ALA B 217 -19.64 -4.04 22.06
C ALA B 217 -18.76 -4.02 23.29
N MET B 218 -19.01 -3.09 24.22
CA MET B 218 -18.23 -2.93 25.45
C MET B 218 -18.34 -4.15 26.36
N LYS B 219 -19.52 -4.76 26.41
CA LYS B 219 -19.74 -5.99 27.17
C LYS B 219 -19.06 -7.19 26.47
N ALA B 220 -19.18 -7.30 25.14
CA ALA B 220 -18.58 -8.43 24.40
C ALA B 220 -17.03 -8.46 24.42
N VAL B 221 -16.38 -7.27 24.37
CA VAL B 221 -14.91 -7.24 24.34
C VAL B 221 -14.27 -7.46 25.70
N SER B 222 -14.99 -7.09 26.78
CA SER B 222 -14.53 -7.08 28.18
C SER B 222 -13.62 -8.25 28.56
N GLY B 223 -12.35 -7.93 28.83
CA GLY B 223 -11.31 -8.88 29.26
C GLY B 223 -10.70 -9.76 28.18
N ILE B 224 -11.11 -9.58 26.92
CA ILE B 224 -10.66 -10.42 25.81
C ILE B 224 -9.89 -9.56 24.83
N VAL B 225 -10.51 -8.44 24.44
CA VAL B 225 -9.97 -7.49 23.49
C VAL B 225 -9.78 -6.15 24.17
N HIS B 226 -8.61 -5.52 23.97
CA HIS B 226 -8.19 -4.27 24.58
C HIS B 226 -7.84 -3.30 23.47
N MET B 227 -8.85 -2.59 23.00
CA MET B 227 -8.72 -1.62 21.93
C MET B 227 -9.44 -0.39 22.35
N GLN B 228 -9.10 0.74 21.71
CA GLN B 228 -9.76 2.02 21.92
C GLN B 228 -11.11 2.01 21.17
N ALA B 229 -12.19 2.34 21.87
CA ALA B 229 -13.53 2.46 21.30
C ALA B 229 -13.76 3.92 20.86
N ALA B 230 -14.57 4.11 19.81
CA ALA B 230 -14.91 5.44 19.30
C ALA B 230 -16.37 5.75 19.72
N PRO B 231 -16.77 7.05 19.89
CA PRO B 231 -18.16 7.34 20.33
C PRO B 231 -19.25 7.02 19.31
N LYS B 232 -20.30 6.35 19.78
CA LYS B 232 -21.44 5.91 18.97
C LYS B 232 -22.20 7.03 18.26
N GLU B 233 -22.30 8.21 18.89
CA GLU B 233 -23.02 9.38 18.37
C GLU B 233 -22.34 9.91 17.10
N GLU B 234 -21.01 10.12 17.14
CA GLU B 234 -20.25 10.58 15.99
C GLU B 234 -20.25 9.50 14.91
N CYS B 235 -20.18 8.22 15.32
CA CYS B 235 -20.22 7.10 14.39
C CYS B 235 -21.48 7.16 13.54
N ALA B 236 -22.63 7.21 14.25
CA ALA B 236 -23.96 7.28 13.66
C ALA B 236 -24.06 8.41 12.64
N LEU B 237 -23.54 9.62 12.98
CA LEU B 237 -23.55 10.79 12.07
C LEU B 237 -22.70 10.58 10.82
N GLU B 238 -21.50 10.02 10.98
CA GLU B 238 -20.57 9.74 9.88
C GLU B 238 -21.17 8.77 8.85
N ILE B 239 -21.99 7.80 9.33
CA ILE B 239 -22.69 6.83 8.48
C ILE B 239 -23.73 7.59 7.61
N ILE B 240 -24.59 8.43 8.25
CA ILE B 240 -25.62 9.24 7.59
C ILE B 240 -25.03 10.16 6.52
N LYS B 241 -23.93 10.86 6.87
CA LYS B 241 -23.20 11.76 6.00
C LYS B 241 -22.73 11.05 4.72
N GLY B 242 -22.10 9.88 4.88
CA GLY B 242 -21.61 9.06 3.77
C GLY B 242 -22.73 8.68 2.82
N GLY B 243 -23.87 8.30 3.38
CA GLY B 243 -25.08 7.96 2.64
C GLY B 243 -25.65 9.16 1.90
N ALA B 244 -25.80 10.31 2.58
CA ALA B 244 -26.31 11.55 1.98
C ALA B 244 -25.36 12.07 0.87
N LEU B 245 -24.03 11.91 1.07
CA LEU B 245 -23.03 12.33 0.07
C LEU B 245 -22.82 11.27 -1.01
N ARG B 246 -23.50 10.11 -0.90
CA ARG B 246 -23.50 9.00 -1.86
C ARG B 246 -22.10 8.41 -2.04
N GLN B 247 -21.32 8.39 -0.94
CA GLN B 247 -19.96 7.86 -0.94
C GLN B 247 -20.03 6.36 -1.00
N GLU B 248 -19.15 5.74 -1.75
CA GLU B 248 -19.10 4.29 -1.89
C GLU B 248 -18.76 3.61 -0.57
N GLU B 249 -17.80 4.20 0.17
CA GLU B 249 -17.35 3.67 1.45
C GLU B 249 -17.13 4.76 2.51
N VAL B 250 -17.39 4.40 3.77
CA VAL B 250 -17.18 5.25 4.95
C VAL B 250 -16.26 4.45 5.87
N TYR B 251 -15.25 5.10 6.42
CA TYR B 251 -14.33 4.49 7.37
C TYR B 251 -14.39 5.26 8.65
N TYR B 252 -14.63 4.56 9.76
CA TYR B 252 -14.76 5.20 11.06
C TYR B 252 -14.12 4.33 12.15
N ASP B 253 -12.97 4.80 12.67
CA ASP B 253 -12.18 4.14 13.70
C ASP B 253 -11.46 5.18 14.55
N SER B 254 -11.17 4.86 15.82
CA SER B 254 -10.45 5.77 16.73
C SER B 254 -8.95 5.94 16.37
N SER B 255 -8.33 4.93 15.75
CA SER B 255 -6.91 4.99 15.38
C SER B 255 -6.68 5.70 14.04
N ARG B 256 -5.72 6.65 14.03
CA ARG B 256 -5.31 7.41 12.83
C ARG B 256 -4.58 6.49 11.86
N TRP B 257 -3.89 5.47 12.38
CA TRP B 257 -3.14 4.48 11.59
C TRP B 257 -4.08 3.58 10.79
N THR B 258 -5.26 3.27 11.37
CA THR B 258 -6.29 2.48 10.70
C THR B 258 -6.84 3.21 9.49
N THR B 259 -7.23 4.48 9.68
CA THR B 259 -7.78 5.30 8.59
C THR B 259 -6.76 5.46 7.47
N LEU B 260 -5.49 5.55 7.83
CA LEU B 260 -4.34 5.66 6.91
C LEU B 260 -4.11 4.37 6.10
N LEU B 261 -4.35 3.19 6.70
CA LEU B 261 -4.04 1.91 6.05
C LEU B 261 -5.21 1.10 5.49
N ILE B 262 -6.44 1.37 5.94
CA ILE B 262 -7.65 0.61 5.58
C ILE B 262 -8.01 0.67 4.09
N ARG B 263 -7.79 1.81 3.43
CA ARG B 263 -8.12 1.96 2.01
C ARG B 263 -7.31 1.00 1.15
N ASN B 264 -7.93 0.51 0.08
CA ASN B 264 -7.29 -0.43 -0.84
C ASN B 264 -7.23 0.19 -2.25
N PRO B 265 -6.22 1.08 -2.50
CA PRO B 265 -6.09 1.70 -3.82
C PRO B 265 -5.92 0.70 -4.96
N CYS B 266 -5.18 -0.40 -4.71
CA CYS B 266 -4.93 -1.46 -5.70
C CYS B 266 -6.23 -2.15 -6.15
N ARG B 267 -7.23 -2.28 -5.22
CA ARG B 267 -8.53 -2.85 -5.55
C ARG B 267 -9.25 -1.93 -6.53
N LYS B 268 -9.24 -0.63 -6.28
CA LYS B 268 -9.90 0.33 -7.17
C LYS B 268 -9.23 0.34 -8.57
N ILE B 269 -7.88 0.28 -8.63
CA ILE B 269 -7.13 0.24 -9.90
C ILE B 269 -7.49 -1.01 -10.68
N LEU B 270 -7.43 -2.20 -10.01
CA LEU B 270 -7.78 -3.51 -10.61
C LEU B 270 -9.18 -3.52 -11.19
N GLU B 271 -10.17 -2.98 -10.42
CA GLU B 271 -11.57 -2.90 -10.87
C GLU B 271 -11.72 -2.03 -12.12
N GLU B 272 -10.95 -0.94 -12.21
CA GLU B 272 -10.96 -0.06 -13.37
C GLU B 272 -10.33 -0.77 -14.57
N LEU B 273 -9.25 -1.54 -14.34
CA LEU B 273 -8.59 -2.31 -15.40
C LEU B 273 -9.51 -3.38 -16.02
N TYR B 274 -10.34 -4.04 -15.20
CA TYR B 274 -11.29 -5.07 -15.64
C TYR B 274 -12.58 -4.49 -16.22
N SER B 275 -12.86 -3.19 -16.03
CA SER B 275 -14.09 -2.57 -16.52
C SER B 275 -14.26 -2.66 -18.07
N THR B 276 -13.15 -2.87 -18.80
CA THR B 276 -13.13 -3.00 -20.26
C THR B 276 -12.73 -4.43 -20.72
N SER B 277 -12.86 -5.44 -19.83
CA SER B 277 -12.51 -6.83 -20.14
C SER B 277 -13.76 -7.70 -20.39
N TYR B 278 -14.95 -7.15 -20.08
CA TYR B 278 -16.22 -7.84 -20.25
C TYR B 278 -17.26 -7.05 -21.04
N ASN B 279 -17.92 -7.76 -21.99
CA ASN B 279 -19.03 -7.26 -22.82
C ASN B 279 -20.31 -7.57 -22.03
N MET B 280 -21.08 -6.52 -21.67
CA MET B 280 -22.30 -6.60 -20.86
C MET B 280 -23.57 -6.22 -21.61
N ASP B 281 -23.43 -5.78 -22.88
CA ASP B 281 -24.55 -5.32 -23.72
C ASP B 281 -25.79 -6.21 -23.66
N ARG B 282 -25.58 -7.55 -23.65
CA ARG B 282 -26.60 -8.60 -23.56
C ARG B 282 -27.53 -8.50 -22.33
N PHE B 283 -27.05 -7.94 -21.20
CA PHE B 283 -27.81 -7.78 -19.94
C PHE B 283 -28.40 -6.38 -19.78
N ILE B 284 -27.70 -5.36 -20.29
CA ILE B 284 -28.13 -3.95 -20.22
C ILE B 284 -29.26 -3.61 -21.20
N ALA C 5 44.75 -24.97 -9.50
CA ALA C 5 44.29 -23.64 -9.89
C ALA C 5 44.08 -23.51 -11.42
N SER C 6 45.11 -23.88 -12.23
CA SER C 6 45.06 -23.86 -13.70
C SER C 6 44.16 -25.01 -14.22
N MET C 7 44.06 -26.08 -13.41
CA MET C 7 43.28 -27.30 -13.68
C MET C 7 41.93 -27.26 -12.93
N THR C 8 41.54 -26.07 -12.45
CA THR C 8 40.31 -25.83 -11.69
C THR C 8 39.38 -24.84 -12.40
N GLY C 9 38.08 -25.10 -12.30
CA GLY C 9 37.02 -24.24 -12.84
C GLY C 9 35.67 -24.56 -12.20
N GLY C 10 34.72 -23.65 -12.36
CA GLY C 10 33.37 -23.80 -11.83
C GLY C 10 32.82 -22.53 -11.22
N GLN C 11 31.59 -22.62 -10.66
CA GLN C 11 30.85 -21.52 -10.05
C GLN C 11 30.11 -21.92 -8.78
N GLN C 12 30.04 -20.99 -7.81
CA GLN C 12 29.32 -21.19 -6.53
C GLN C 12 27.81 -20.95 -6.63
N MET C 13 27.36 -20.21 -7.66
CA MET C 13 25.96 -19.82 -7.85
C MET C 13 25.15 -20.75 -8.75
N GLY C 14 24.26 -21.54 -8.15
CA GLY C 14 23.37 -22.46 -8.85
C GLY C 14 21.94 -22.40 -8.36
N ARG C 15 21.26 -23.56 -8.25
CA ARG C 15 19.87 -23.62 -7.77
C ARG C 15 19.78 -23.23 -6.30
N GLY C 16 18.86 -22.31 -6.01
CA GLY C 16 18.64 -21.77 -4.67
C GLY C 16 19.64 -20.72 -4.23
N SER C 17 20.66 -20.42 -5.07
CA SER C 17 21.71 -19.45 -4.76
C SER C 17 21.22 -17.98 -4.77
N ASN C 18 20.00 -17.71 -5.26
CA ASN C 18 19.39 -16.36 -5.25
C ASN C 18 18.58 -16.18 -3.94
N GLU C 19 18.42 -17.27 -3.17
CA GLU C 19 17.65 -17.30 -1.93
C GLU C 19 18.44 -17.72 -0.68
N GLU C 20 19.39 -18.67 -0.83
CA GLU C 20 20.16 -19.18 0.31
C GLU C 20 21.64 -18.86 0.25
N PHE C 21 22.09 -17.97 1.15
CA PHE C 21 23.47 -17.54 1.22
C PHE C 21 24.38 -18.63 1.84
N ARG C 22 25.63 -18.67 1.38
CA ARG C 22 26.70 -19.49 1.90
C ARG C 22 27.95 -18.63 1.86
N PRO C 23 28.86 -18.80 2.83
CA PRO C 23 30.10 -18.01 2.80
C PRO C 23 31.00 -18.27 1.59
N GLU C 24 30.89 -19.46 1.00
CA GLU C 24 31.71 -19.89 -0.15
C GLU C 24 31.39 -19.07 -1.41
N MET C 25 30.24 -18.34 -1.41
CA MET C 25 29.86 -17.48 -2.52
C MET C 25 30.84 -16.31 -2.70
N LEU C 26 31.56 -15.96 -1.63
CA LEU C 26 32.55 -14.88 -1.62
C LEU C 26 33.99 -15.37 -1.77
N GLN C 27 34.20 -16.70 -1.76
CA GLN C 27 35.52 -17.32 -1.92
C GLN C 27 36.12 -16.94 -3.27
N GLY C 28 37.29 -16.32 -3.21
CA GLY C 28 38.01 -15.84 -4.40
C GLY C 28 37.42 -14.60 -5.08
N LYS C 29 36.37 -13.98 -4.50
CA LYS C 29 35.76 -12.77 -5.06
C LYS C 29 36.62 -11.55 -4.78
N LYS C 30 36.63 -10.60 -5.72
CA LYS C 30 37.44 -9.39 -5.65
C LYS C 30 36.53 -8.26 -5.17
N VAL C 31 36.74 -7.84 -3.91
CA VAL C 31 35.87 -6.87 -3.24
C VAL C 31 36.59 -5.63 -2.75
N ILE C 32 35.95 -4.46 -3.01
CA ILE C 32 36.36 -3.15 -2.51
C ILE C 32 35.42 -2.85 -1.33
N VAL C 33 35.98 -2.38 -0.19
CA VAL C 33 35.18 -1.92 0.92
C VAL C 33 35.71 -0.51 1.24
N THR C 34 34.84 0.52 1.13
CA THR C 34 35.22 1.88 1.49
C THR C 34 34.87 2.12 2.98
N GLY C 35 35.50 3.12 3.59
CA GLY C 35 35.34 3.38 5.03
C GLY C 35 35.51 2.12 5.85
N ALA C 36 36.58 1.36 5.57
CA ALA C 36 36.82 0.03 6.17
C ALA C 36 37.90 -0.03 7.27
N SER C 37 38.32 1.10 7.82
CA SER C 37 39.30 1.13 8.91
C SER C 37 38.62 0.91 10.26
N LYS C 38 37.31 1.15 10.33
CA LYS C 38 36.51 0.97 11.55
C LYS C 38 35.02 0.70 11.26
N GLY C 39 34.24 0.49 12.32
CA GLY C 39 32.81 0.26 12.28
C GLY C 39 32.36 -0.90 11.43
N ILE C 40 31.22 -0.70 10.72
CA ILE C 40 30.58 -1.68 9.83
C ILE C 40 31.52 -2.09 8.67
N GLY C 41 32.22 -1.10 8.10
CA GLY C 41 33.18 -1.32 7.03
C GLY C 41 34.28 -2.31 7.39
N ARG C 42 34.89 -2.15 8.60
CA ARG C 42 35.92 -3.06 9.11
C ARG C 42 35.34 -4.46 9.35
N GLU C 43 34.11 -4.53 9.93
CA GLU C 43 33.39 -5.80 10.15
C GLU C 43 33.16 -6.56 8.83
N MET C 44 32.83 -5.82 7.74
CA MET C 44 32.63 -6.38 6.40
C MET C 44 33.94 -6.91 5.88
N ALA C 45 35.06 -6.16 6.03
CA ALA C 45 36.39 -6.59 5.57
C ALA C 45 36.76 -7.93 6.25
N TYR C 46 36.51 -8.05 7.57
CA TYR C 46 36.76 -9.22 8.40
C TYR C 46 35.92 -10.44 7.99
N HIS C 47 34.60 -10.24 7.72
CA HIS C 47 33.74 -11.32 7.24
C HIS C 47 34.25 -11.82 5.89
N LEU C 48 34.58 -10.89 4.96
CA LEU C 48 35.06 -11.20 3.62
C LEU C 48 36.39 -11.98 3.65
N ALA C 49 37.30 -11.59 4.57
CA ALA C 49 38.58 -12.24 4.84
C ALA C 49 38.33 -13.73 5.17
N LYS C 50 37.46 -13.98 6.18
CA LYS C 50 37.06 -15.31 6.67
C LYS C 50 36.44 -16.16 5.56
N MET C 51 35.77 -15.51 4.60
CA MET C 51 35.16 -16.17 3.44
C MET C 51 36.16 -16.43 2.31
N GLY C 52 37.42 -16.00 2.47
CA GLY C 52 38.47 -16.23 1.49
C GLY C 52 38.38 -15.35 0.25
N ALA C 53 37.93 -14.12 0.44
CA ALA C 53 37.84 -13.17 -0.65
C ALA C 53 39.14 -12.40 -0.75
N HIS C 54 39.36 -11.74 -1.90
CA HIS C 54 40.45 -10.80 -2.10
C HIS C 54 39.81 -9.45 -1.70
N VAL C 55 40.50 -8.68 -0.86
CA VAL C 55 39.95 -7.41 -0.43
C VAL C 55 40.91 -6.24 -0.64
N VAL C 56 40.34 -5.08 -0.99
CA VAL C 56 41.03 -3.80 -1.03
C VAL C 56 40.15 -2.86 -0.20
N VAL C 57 40.73 -2.39 0.89
CA VAL C 57 40.07 -1.52 1.85
C VAL C 57 40.56 -0.09 1.70
N THR C 58 39.70 0.88 2.01
CA THR C 58 40.08 2.29 1.96
C THR C 58 39.42 3.06 3.10
N ALA C 59 40.05 4.20 3.43
CA ALA C 59 39.72 5.17 4.48
C ALA C 59 40.88 6.15 4.44
N ARG C 60 40.87 7.16 5.29
CA ARG C 60 41.96 8.13 5.24
C ARG C 60 43.24 7.67 5.96
N SER C 61 43.11 6.97 7.09
CA SER C 61 44.22 6.58 7.95
C SER C 61 44.93 5.34 7.49
N LYS C 62 46.18 5.48 7.07
CA LYS C 62 46.99 4.35 6.61
C LYS C 62 47.30 3.38 7.76
N GLU C 63 47.49 3.92 8.99
CA GLU C 63 47.79 3.15 10.20
C GLU C 63 46.67 2.20 10.60
N THR C 64 45.42 2.70 10.63
CA THR C 64 44.26 1.88 10.97
C THR C 64 43.97 0.87 9.83
N LEU C 65 44.19 1.25 8.56
CA LEU C 65 44.02 0.34 7.41
C LEU C 65 45.04 -0.80 7.42
N GLN C 66 46.28 -0.50 7.86
CA GLN C 66 47.35 -1.51 7.97
C GLN C 66 46.90 -2.63 8.94
N LYS C 67 46.34 -2.26 10.13
CA LYS C 67 45.82 -3.20 11.12
C LYS C 67 44.72 -4.08 10.52
N VAL C 68 43.77 -3.47 9.76
CA VAL C 68 42.67 -4.18 9.09
C VAL C 68 43.25 -5.19 8.09
N VAL C 69 44.18 -4.74 7.25
CA VAL C 69 44.86 -5.60 6.26
C VAL C 69 45.52 -6.81 6.94
N SER C 70 46.37 -6.57 7.98
CA SER C 70 47.06 -7.63 8.72
C SER C 70 46.10 -8.64 9.33
N HIS C 71 45.01 -8.16 9.97
CA HIS C 71 44.01 -9.06 10.54
C HIS C 71 43.24 -9.83 9.46
N CYS C 72 43.00 -9.24 8.26
CA CYS C 72 42.33 -9.87 7.10
C CYS C 72 43.14 -11.05 6.60
N LEU C 73 44.46 -10.87 6.51
CA LEU C 73 45.38 -11.95 6.12
C LEU C 73 45.36 -13.09 7.15
N GLU C 74 45.36 -12.75 8.46
CA GLU C 74 45.27 -13.75 9.55
C GLU C 74 43.96 -14.56 9.47
N LEU C 75 42.83 -13.90 9.10
CA LEU C 75 41.50 -14.51 9.01
C LEU C 75 41.33 -15.43 7.81
N GLY C 76 42.27 -15.37 6.89
CA GLY C 76 42.24 -16.20 5.69
C GLY C 76 41.86 -15.52 4.40
N ALA C 77 42.08 -14.19 4.27
CA ALA C 77 41.77 -13.51 3.00
C ALA C 77 42.68 -14.09 1.91
N ALA C 78 42.18 -14.19 0.68
CA ALA C 78 42.97 -14.69 -0.45
C ALA C 78 44.12 -13.74 -0.71
N SER C 79 43.88 -12.44 -0.49
CA SER C 79 44.83 -11.33 -0.55
C SER C 79 44.17 -10.15 0.13
N ALA C 80 44.97 -9.22 0.65
CA ALA C 80 44.46 -8.03 1.33
C ALA C 80 45.40 -6.88 1.12
N HIS C 81 44.84 -5.73 0.68
CA HIS C 81 45.57 -4.49 0.43
C HIS C 81 44.75 -3.29 0.89
N TYR C 82 45.41 -2.15 1.09
CA TYR C 82 44.79 -0.89 1.43
C TYR C 82 45.34 0.21 0.53
N ILE C 83 44.54 1.26 0.32
CA ILE C 83 44.93 2.48 -0.39
C ILE C 83 44.28 3.57 0.44
N ALA C 84 45.09 4.45 1.05
CA ALA C 84 44.62 5.53 1.91
C ALA C 84 44.36 6.81 1.14
N GLY C 85 43.27 7.48 1.49
CA GLY C 85 42.91 8.74 0.88
C GLY C 85 41.54 9.23 1.30
N THR C 86 41.24 10.48 0.97
CA THR C 86 39.99 11.14 1.29
C THR C 86 39.01 11.08 0.10
N MET C 87 37.75 10.68 0.40
CA MET C 87 36.69 10.63 -0.57
C MET C 87 36.08 12.03 -0.85
N GLU C 88 36.70 13.10 -0.31
CA GLU C 88 36.38 14.51 -0.61
C GLU C 88 37.01 14.82 -1.98
N ASP C 89 38.07 14.07 -2.29
CA ASP C 89 38.86 14.17 -3.53
C ASP C 89 38.32 13.17 -4.57
N MET C 90 37.60 13.71 -5.54
CA MET C 90 37.01 12.97 -6.66
C MET C 90 38.08 12.30 -7.57
N THR C 91 39.29 12.88 -7.62
CA THR C 91 40.43 12.31 -8.38
C THR C 91 40.92 11.05 -7.67
N PHE C 92 41.03 11.10 -6.32
CA PHE C 92 41.42 9.95 -5.53
C PHE C 92 40.41 8.81 -5.70
N ALA C 93 39.10 9.09 -5.55
CA ALA C 93 38.02 8.11 -5.70
C ALA C 93 38.11 7.39 -7.07
N GLU C 94 38.32 8.15 -8.14
CA GLU C 94 38.43 7.60 -9.50
C GLU C 94 39.67 6.69 -9.67
N GLN C 95 40.85 7.18 -9.25
CA GLN C 95 42.10 6.44 -9.36
C GLN C 95 42.19 5.26 -8.43
N PHE C 96 41.58 5.37 -7.24
CA PHE C 96 41.54 4.30 -6.24
C PHE C 96 40.97 3.00 -6.85
N VAL C 97 39.86 3.10 -7.59
CA VAL C 97 39.20 1.92 -8.19
C VAL C 97 40.10 1.23 -9.24
N ALA C 98 40.75 2.02 -10.13
CA ALA C 98 41.71 1.52 -11.13
C ALA C 98 42.83 0.71 -10.45
N GLN C 99 43.44 1.27 -9.39
CA GLN C 99 44.55 0.67 -8.64
C GLN C 99 44.10 -0.53 -7.84
N ALA C 100 42.90 -0.47 -7.23
CA ALA C 100 42.36 -1.62 -6.50
C ALA C 100 42.10 -2.78 -7.48
N GLY C 101 41.57 -2.47 -8.66
CA GLY C 101 41.30 -3.43 -9.72
C GLY C 101 42.57 -4.06 -10.26
N LYS C 102 43.67 -3.30 -10.33
CA LYS C 102 44.98 -3.77 -10.79
C LYS C 102 45.56 -4.74 -9.74
N LEU C 103 45.41 -4.42 -8.45
CA LEU C 103 45.90 -5.27 -7.35
C LEU C 103 45.20 -6.63 -7.31
N MET C 104 43.91 -6.67 -7.65
CA MET C 104 43.13 -7.89 -7.59
C MET C 104 42.97 -8.61 -8.92
N GLY C 105 43.26 -7.91 -10.02
CA GLY C 105 43.08 -8.45 -11.36
C GLY C 105 41.61 -8.46 -11.76
N GLY C 106 40.86 -7.46 -11.30
CA GLY C 106 39.43 -7.35 -11.57
C GLY C 106 38.62 -6.93 -10.34
N LEU C 107 37.28 -6.93 -10.49
CA LEU C 107 36.38 -6.51 -9.43
C LEU C 107 35.06 -7.21 -9.55
N ASP C 108 34.59 -7.81 -8.44
CA ASP C 108 33.30 -8.50 -8.37
C ASP C 108 32.27 -7.74 -7.57
N MET C 109 32.71 -7.08 -6.50
CA MET C 109 31.80 -6.35 -5.63
C MET C 109 32.40 -5.04 -5.16
N LEU C 110 31.60 -3.96 -5.28
CA LEU C 110 31.99 -2.63 -4.83
C LEU C 110 31.11 -2.28 -3.64
N ILE C 111 31.72 -2.20 -2.45
CA ILE C 111 30.97 -1.86 -1.24
C ILE C 111 31.26 -0.42 -0.83
N LEU C 112 30.25 0.45 -1.03
CA LEU C 112 30.28 1.89 -0.79
C LEU C 112 29.66 2.14 0.55
N ASN C 113 30.51 2.46 1.53
CA ASN C 113 30.17 2.52 2.95
C ASN C 113 30.60 3.79 3.69
N HIS C 114 31.68 4.45 3.25
CA HIS C 114 32.19 5.65 3.93
C HIS C 114 31.20 6.82 3.97
N ILE C 115 31.33 7.66 5.00
CA ILE C 115 30.59 8.90 5.17
C ILE C 115 31.54 9.94 5.74
N THR C 116 31.18 11.22 5.61
CA THR C 116 31.95 12.30 6.24
C THR C 116 31.51 12.30 7.73
N ASN C 117 32.42 12.64 8.65
CA ASN C 117 32.09 12.69 10.08
C ASN C 117 30.89 13.60 10.30
N THR C 118 29.90 13.08 11.00
CA THR C 118 28.69 13.84 11.28
C THR C 118 28.24 13.66 12.74
N SER C 119 27.41 14.57 13.23
CA SER C 119 26.89 14.52 14.60
C SER C 119 25.41 14.90 14.61
N LEU C 120 24.74 14.70 15.74
CA LEU C 120 23.33 15.06 15.87
C LEU C 120 23.28 16.52 16.27
N ASN C 121 22.82 17.35 15.36
CA ASN C 121 22.72 18.79 15.57
C ASN C 121 21.58 19.36 14.76
N LEU C 122 20.94 20.39 15.27
CA LEU C 122 19.88 21.08 14.56
C LEU C 122 20.55 21.88 13.45
N PHE C 123 19.86 22.04 12.34
CA PHE C 123 20.39 22.76 11.22
C PHE C 123 20.26 24.29 11.43
N HIS C 124 21.36 25.01 11.19
CA HIS C 124 21.46 26.47 11.25
C HIS C 124 22.71 26.89 10.52
N ASP C 125 22.52 27.63 9.42
CA ASP C 125 23.54 28.21 8.53
C ASP C 125 24.77 27.31 8.29
N ASP C 126 24.54 26.02 8.19
CA ASP C 126 25.66 25.11 8.00
C ASP C 126 25.61 24.45 6.59
N ILE C 127 25.75 25.33 5.57
CA ILE C 127 25.82 24.93 4.17
C ILE C 127 27.08 24.10 3.90
N HIS C 128 28.17 24.39 4.64
CA HIS C 128 29.45 23.69 4.51
C HIS C 128 29.24 22.20 4.79
N HIS C 129 28.56 21.87 5.87
CA HIS C 129 28.30 20.47 6.21
C HIS C 129 27.33 19.83 5.21
N VAL C 130 26.36 20.60 4.70
CA VAL C 130 25.41 20.13 3.67
C VAL C 130 26.18 19.75 2.39
N ARG C 131 27.03 20.66 1.88
CA ARG C 131 27.85 20.42 0.69
C ARG C 131 28.85 19.28 0.89
N LYS C 132 29.56 19.25 2.03
CA LYS C 132 30.54 18.19 2.30
C LYS C 132 29.87 16.81 2.36
N SER C 133 28.69 16.74 3.01
CA SER C 133 27.91 15.51 3.10
C SER C 133 27.50 15.06 1.70
N MET C 134 27.05 15.98 0.84
CA MET C 134 26.68 15.62 -0.54
C MET C 134 27.89 15.12 -1.34
N GLU C 135 29.04 15.78 -1.18
CA GLU C 135 30.29 15.42 -1.84
C GLU C 135 30.81 14.03 -1.43
N VAL C 136 30.97 13.81 -0.12
CA VAL C 136 31.52 12.57 0.42
C VAL C 136 30.51 11.43 0.41
N ASN C 137 29.32 11.65 0.97
CA ASN C 137 28.34 10.57 1.10
C ASN C 137 27.65 10.18 -0.17
N PHE C 138 27.61 11.08 -1.14
CA PHE C 138 26.87 10.80 -2.36
C PHE C 138 27.71 10.90 -3.64
N LEU C 139 28.28 12.07 -3.93
CA LEU C 139 29.01 12.29 -5.18
C LEU C 139 30.19 11.33 -5.38
N SER C 140 30.97 11.07 -4.31
CA SER C 140 32.08 10.13 -4.41
C SER C 140 31.60 8.71 -4.77
N TYR C 141 30.39 8.31 -4.30
CA TYR C 141 29.78 7.00 -4.59
C TYR C 141 29.50 6.89 -6.08
N VAL C 142 29.03 8.00 -6.70
CA VAL C 142 28.74 8.08 -8.15
C VAL C 142 30.07 7.93 -8.93
N VAL C 143 31.11 8.66 -8.50
CA VAL C 143 32.45 8.65 -9.12
C VAL C 143 33.04 7.23 -9.05
N LEU C 144 32.95 6.59 -7.86
CA LEU C 144 33.44 5.23 -7.62
C LEU C 144 32.70 4.23 -8.52
N THR C 145 31.37 4.38 -8.67
CA THR C 145 30.54 3.55 -9.56
C THR C 145 30.96 3.67 -11.04
N VAL C 146 31.19 4.90 -11.53
CA VAL C 146 31.61 5.15 -12.92
C VAL C 146 32.95 4.47 -13.20
N ALA C 147 33.90 4.61 -12.26
CA ALA C 147 35.24 4.05 -12.33
C ALA C 147 35.21 2.52 -12.31
N ALA C 148 34.28 1.94 -11.54
CA ALA C 148 34.13 0.48 -11.32
C ALA C 148 33.29 -0.25 -12.34
N LEU C 149 32.33 0.43 -13.02
CA LEU C 149 31.39 -0.22 -13.94
C LEU C 149 32.04 -1.09 -15.05
N PRO C 150 33.10 -0.68 -15.80
CA PRO C 150 33.67 -1.59 -16.79
C PRO C 150 34.09 -2.95 -16.20
N MET C 151 34.77 -2.97 -15.03
CA MET C 151 35.18 -4.21 -14.36
C MET C 151 34.00 -5.02 -13.83
N LEU C 152 32.97 -4.32 -13.29
CA LEU C 152 31.76 -5.00 -12.81
C LEU C 152 30.95 -5.60 -13.94
N LYS C 153 30.94 -4.96 -15.11
CA LYS C 153 30.24 -5.47 -16.30
C LYS C 153 30.91 -6.78 -16.78
N GLN C 154 32.25 -6.83 -16.71
CA GLN C 154 33.08 -7.97 -17.09
C GLN C 154 32.82 -9.19 -16.18
N SER C 155 32.64 -8.95 -14.87
CA SER C 155 32.42 -10.01 -13.89
C SER C 155 30.94 -10.25 -13.59
N ASN C 156 30.01 -9.46 -14.17
CA ASN C 156 28.57 -9.50 -13.82
C ASN C 156 28.45 -9.28 -12.29
N GLY C 157 29.21 -8.32 -11.79
CA GLY C 157 29.36 -7.98 -10.38
C GLY C 157 28.23 -7.22 -9.73
N SER C 158 28.54 -6.68 -8.55
CA SER C 158 27.59 -6.06 -7.65
C SER C 158 28.05 -4.75 -7.04
N ILE C 159 27.11 -3.81 -6.90
CA ILE C 159 27.32 -2.55 -6.21
C ILE C 159 26.49 -2.62 -4.94
N VAL C 160 27.13 -2.40 -3.78
CA VAL C 160 26.46 -2.41 -2.49
C VAL C 160 26.58 -1.00 -1.93
N VAL C 161 25.44 -0.34 -1.70
CA VAL C 161 25.33 1.04 -1.23
C VAL C 161 24.80 1.04 0.21
N VAL C 162 25.65 1.49 1.13
CA VAL C 162 25.26 1.54 2.54
C VAL C 162 24.53 2.85 2.83
N SER C 163 23.24 2.71 3.13
CA SER C 163 22.37 3.83 3.45
C SER C 163 21.88 3.70 4.92
N SER C 164 20.74 4.33 5.24
CA SER C 164 20.22 4.42 6.60
C SER C 164 18.68 4.49 6.57
N LEU C 165 18.03 4.29 7.73
CA LEU C 165 16.59 4.53 7.85
C LEU C 165 16.31 6.03 7.60
N ALA C 166 17.32 6.92 7.90
CA ALA C 166 17.30 8.39 7.64
C ALA C 166 17.41 8.68 6.16
N GLY C 167 17.59 7.64 5.34
CA GLY C 167 17.59 7.70 3.88
C GLY C 167 16.28 7.20 3.28
N LYS C 168 15.27 6.93 4.15
CA LYS C 168 13.94 6.44 3.74
C LYS C 168 12.81 7.21 4.44
N VAL C 169 13.05 7.65 5.70
CA VAL C 169 12.08 8.40 6.52
C VAL C 169 12.79 9.62 7.13
N ALA C 170 12.02 10.63 7.56
CA ALA C 170 12.59 11.84 8.14
C ALA C 170 12.88 11.73 9.64
N TYR C 171 14.03 12.25 10.05
CA TYR C 171 14.48 12.33 11.44
C TYR C 171 15.01 13.74 11.66
N PRO C 172 14.78 14.36 12.85
CA PRO C 172 15.42 15.66 13.11
C PRO C 172 16.91 15.46 13.42
N MET C 173 17.72 16.54 13.32
CA MET C 173 19.14 16.63 13.70
C MET C 173 20.12 15.98 12.71
N VAL C 174 19.62 15.47 11.59
CA VAL C 174 20.43 14.79 10.54
C VAL C 174 20.04 15.29 9.15
N ALA C 175 19.66 16.60 9.01
CA ALA C 175 19.19 17.15 7.72
C ALA C 175 20.16 16.94 6.55
N ALA C 176 21.45 17.29 6.72
CA ALA C 176 22.47 17.16 5.67
C ALA C 176 22.74 15.70 5.31
N TYR C 177 22.85 14.86 6.36
CA TYR C 177 23.11 13.43 6.29
C TYR C 177 21.98 12.72 5.57
N SER C 178 20.77 13.03 5.98
CA SER C 178 19.54 12.48 5.44
C SER C 178 19.36 12.83 3.95
N ALA C 179 19.65 14.07 3.57
CA ALA C 179 19.59 14.54 2.19
C ALA C 179 20.56 13.68 1.33
N SER C 180 21.79 13.44 1.84
CA SER C 180 22.78 12.63 1.12
C SER C 180 22.37 11.16 0.96
N LYS C 181 21.64 10.60 1.96
CA LYS C 181 21.15 9.22 1.96
C LYS C 181 19.96 9.05 1.07
N PHE C 182 19.06 10.04 1.04
CA PHE C 182 17.91 10.09 0.14
C PHE C 182 18.44 10.19 -1.31
N ALA C 183 19.42 11.07 -1.57
CA ALA C 183 20.08 11.23 -2.87
C ALA C 183 20.61 9.88 -3.43
N LEU C 184 21.21 9.04 -2.56
CA LEU C 184 21.71 7.69 -2.96
C LEU C 184 20.57 6.81 -3.49
N ASP C 185 19.41 6.83 -2.81
CA ASP C 185 18.23 6.06 -3.21
C ASP C 185 17.76 6.53 -4.61
N GLY C 186 17.56 7.83 -4.78
CA GLY C 186 17.17 8.41 -6.06
C GLY C 186 18.12 8.09 -7.20
N PHE C 187 19.42 8.21 -6.96
CA PHE C 187 20.42 7.94 -7.99
C PHE C 187 20.53 6.46 -8.32
N PHE C 188 20.81 5.61 -7.33
CA PHE C 188 21.03 4.19 -7.55
C PHE C 188 19.76 3.41 -7.96
N SER C 189 18.57 3.87 -7.53
CA SER C 189 17.32 3.21 -7.91
C SER C 189 16.97 3.53 -9.39
N SER C 190 17.42 4.70 -9.87
CA SER C 190 17.20 5.13 -11.25
C SER C 190 18.13 4.37 -12.19
N ILE C 191 19.45 4.29 -11.87
CA ILE C 191 20.40 3.54 -12.70
C ILE C 191 20.09 2.03 -12.68
N ARG C 192 19.51 1.51 -11.58
CA ARG C 192 19.10 0.11 -11.52
C ARG C 192 18.05 -0.18 -12.62
N LYS C 193 17.08 0.72 -12.80
CA LYS C 193 16.04 0.63 -13.84
C LYS C 193 16.66 0.69 -15.23
N GLU C 194 17.67 1.56 -15.42
CA GLU C 194 18.39 1.69 -16.68
C GLU C 194 19.18 0.40 -17.02
N TYR C 195 19.86 -0.18 -16.01
CA TYR C 195 20.64 -1.42 -16.17
C TYR C 195 19.70 -2.58 -16.53
N SER C 196 18.49 -2.58 -15.98
CA SER C 196 17.47 -3.59 -16.24
C SER C 196 17.03 -3.60 -17.71
N VAL C 197 16.71 -2.43 -18.27
CA VAL C 197 16.30 -2.29 -19.67
C VAL C 197 17.49 -2.43 -20.65
N SER C 198 18.72 -2.11 -20.21
CA SER C 198 19.94 -2.20 -21.02
C SER C 198 20.62 -3.56 -20.89
N ARG C 199 20.06 -4.44 -20.03
CA ARG C 199 20.57 -5.78 -19.72
C ARG C 199 22.03 -5.73 -19.25
N VAL C 200 22.34 -4.74 -18.37
CA VAL C 200 23.65 -4.59 -17.72
C VAL C 200 23.49 -5.46 -16.47
N ASN C 201 24.19 -6.61 -16.43
CA ASN C 201 24.11 -7.57 -15.36
C ASN C 201 24.97 -7.20 -14.14
N VAL C 202 24.73 -5.98 -13.61
CA VAL C 202 25.38 -5.46 -12.42
C VAL C 202 24.25 -5.17 -11.41
N SER C 203 24.24 -5.89 -10.30
CA SER C 203 23.20 -5.69 -9.29
C SER C 203 23.52 -4.47 -8.42
N ILE C 204 22.47 -3.84 -7.88
CA ILE C 204 22.57 -2.68 -7.00
C ILE C 204 21.78 -2.96 -5.73
N THR C 205 22.50 -3.02 -4.57
CA THR C 205 21.89 -3.29 -3.26
C THR C 205 21.97 -2.06 -2.37
N LEU C 206 20.79 -1.47 -2.04
CA LEU C 206 20.68 -0.35 -1.12
C LEU C 206 20.38 -0.92 0.28
N CYS C 207 21.25 -0.64 1.23
CA CYS C 207 21.13 -1.16 2.59
C CYS C 207 20.60 -0.10 3.54
N VAL C 208 19.43 -0.35 4.10
CA VAL C 208 18.68 0.55 4.98
C VAL C 208 18.87 0.06 6.41
N LEU C 209 19.76 0.71 7.11
CA LEU C 209 20.14 0.35 8.46
C LEU C 209 19.59 1.28 9.51
N GLY C 210 19.20 0.68 10.64
CA GLY C 210 18.80 1.37 11.85
C GLY C 210 20.05 1.62 12.67
N LEU C 211 19.90 1.96 13.96
CA LEU C 211 21.06 2.20 14.83
C LEU C 211 21.93 0.95 14.98
N ILE C 212 23.24 1.08 14.73
CA ILE C 212 24.23 0.01 14.83
C ILE C 212 25.23 0.41 15.90
N ASP C 213 25.64 -0.56 16.75
CA ASP C 213 26.53 -0.33 17.89
C ASP C 213 28.02 -0.01 17.54
N THR C 214 28.27 0.80 16.50
CA THR C 214 29.65 1.20 16.21
C THR C 214 30.06 2.27 17.23
N GLU C 215 31.36 2.40 17.52
CA GLU C 215 31.93 3.39 18.43
C GLU C 215 31.50 4.81 18.06
N THR C 216 31.51 5.13 16.76
CA THR C 216 31.11 6.43 16.25
C THR C 216 29.64 6.73 16.56
N ALA C 217 28.73 5.79 16.26
CA ALA C 217 27.28 6.01 16.50
C ALA C 217 26.95 6.06 17.99
N MET C 218 27.56 5.19 18.77
CA MET C 218 27.34 5.14 20.22
C MET C 218 27.81 6.43 20.88
N LYS C 219 28.92 6.97 20.43
CA LYS C 219 29.44 8.24 20.96
C LYS C 219 28.55 9.40 20.50
N ALA C 220 28.10 9.38 19.22
CA ALA C 220 27.25 10.43 18.66
C ALA C 220 25.83 10.52 19.27
N VAL C 221 25.17 9.36 19.57
CA VAL C 221 23.82 9.36 20.15
C VAL C 221 23.81 9.66 21.68
N SER C 222 24.93 9.40 22.38
CA SER C 222 25.06 9.54 23.83
C SER C 222 24.45 10.82 24.42
N GLY C 223 23.37 10.64 25.20
CA GLY C 223 22.65 11.73 25.88
C GLY C 223 21.68 12.52 25.05
N ILE C 224 21.47 12.12 23.78
CA ILE C 224 20.62 12.84 22.84
C ILE C 224 19.51 11.94 22.40
N VAL C 225 19.85 10.74 22.00
CA VAL C 225 18.92 9.77 21.49
C VAL C 225 19.08 8.51 22.36
N HIS C 226 17.96 7.92 22.76
CA HIS C 226 17.86 6.72 23.57
C HIS C 226 17.05 5.72 22.79
N MET C 227 17.72 4.78 22.14
CA MET C 227 17.10 3.70 21.35
C MET C 227 18.02 2.51 21.24
N GLN C 228 17.41 1.36 20.92
CA GLN C 228 18.11 0.10 20.78
C GLN C 228 19.01 0.09 19.55
N ALA C 229 20.27 -0.32 19.74
CA ALA C 229 21.30 -0.47 18.72
C ALA C 229 21.34 -1.95 18.34
N ALA C 230 21.67 -2.27 17.09
CA ALA C 230 21.79 -3.65 16.65
C ALA C 230 23.30 -3.98 16.51
N PRO C 231 23.76 -5.26 16.64
CA PRO C 231 25.21 -5.52 16.59
C PRO C 231 25.84 -5.35 15.21
N LYS C 232 27.00 -4.68 15.17
CA LYS C 232 27.77 -4.34 13.96
C LYS C 232 28.22 -5.55 13.15
N GLU C 233 28.54 -6.67 13.84
CA GLU C 233 29.00 -7.90 13.21
C GLU C 233 27.92 -8.50 12.32
N GLU C 234 26.68 -8.68 12.90
CA GLU C 234 25.55 -9.23 12.17
C GLU C 234 25.12 -8.26 11.07
N CYS C 235 25.19 -6.95 11.35
CA CYS C 235 24.88 -5.93 10.36
C CYS C 235 25.74 -6.10 9.09
N ALA C 236 27.08 -6.15 9.28
CA ALA C 236 28.09 -6.32 8.24
C ALA C 236 27.84 -7.58 7.41
N LEU C 237 27.44 -8.67 8.09
CA LEU C 237 27.14 -9.93 7.41
C LEU C 237 25.87 -9.83 6.54
N GLU C 238 24.81 -9.21 7.07
CA GLU C 238 23.53 -9.00 6.37
C GLU C 238 23.68 -8.16 5.11
N ILE C 239 24.60 -7.20 5.12
CA ILE C 239 24.97 -6.34 4.00
C ILE C 239 25.65 -7.18 2.90
N ILE C 240 26.65 -8.00 3.27
CA ILE C 240 27.36 -8.88 2.35
C ILE C 240 26.39 -9.89 1.68
N LYS C 241 25.52 -10.52 2.49
CA LYS C 241 24.53 -11.51 2.05
C LYS C 241 23.61 -10.92 0.99
N GLY C 242 23.03 -9.74 1.23
CA GLY C 242 22.16 -9.05 0.28
C GLY C 242 22.85 -8.72 -1.03
N GLY C 243 24.13 -8.33 -0.95
CA GLY C 243 24.96 -8.08 -2.12
C GLY C 243 25.21 -9.36 -2.90
N ALA C 244 25.64 -10.46 -2.19
CA ALA C 244 25.89 -11.77 -2.82
C ALA C 244 24.61 -12.36 -3.43
N LEU C 245 23.44 -12.16 -2.77
CA LEU C 245 22.13 -12.63 -3.25
C LEU C 245 21.52 -11.69 -4.28
N ARG C 246 22.19 -10.53 -4.55
CA ARG C 246 21.78 -9.54 -5.56
C ARG C 246 20.39 -8.93 -5.28
N GLN C 247 20.05 -8.80 -4.00
CA GLN C 247 18.80 -8.21 -3.54
C GLN C 247 18.87 -6.69 -3.79
N GLU C 248 17.75 -6.11 -4.20
CA GLU C 248 17.65 -4.68 -4.47
C GLU C 248 17.84 -3.87 -3.19
N GLU C 249 17.23 -4.33 -2.09
CA GLU C 249 17.30 -3.67 -0.80
C GLU C 249 17.49 -4.64 0.36
N VAL C 250 18.20 -4.19 1.39
CA VAL C 250 18.46 -4.92 2.65
C VAL C 250 17.96 -4.01 3.76
N TYR C 251 17.21 -4.56 4.71
CA TYR C 251 16.71 -3.84 5.88
C TYR C 251 17.25 -4.47 7.13
N TYR C 252 17.93 -3.68 7.95
CA TYR C 252 18.52 -4.18 9.18
C TYR C 252 18.34 -3.18 10.32
N ASP C 253 17.44 -3.52 11.25
CA ASP C 253 17.06 -2.72 12.41
C ASP C 253 16.66 -3.65 13.59
N SER C 254 16.82 -3.16 14.84
CA SER C 254 16.45 -3.88 16.05
C SER C 254 14.91 -4.01 16.24
N SER C 255 14.13 -3.04 15.75
CA SER C 255 12.67 -3.04 15.90
C SER C 255 11.94 -3.85 14.87
N ARG C 256 10.99 -4.70 15.35
CA ARG C 256 10.14 -5.55 14.49
C ARG C 256 9.12 -4.71 13.73
N TRP C 257 8.70 -3.56 14.32
CA TRP C 257 7.77 -2.61 13.74
C TRP C 257 8.39 -1.90 12.51
N THR C 258 9.70 -1.65 12.57
CA THR C 258 10.47 -1.05 11.48
C THR C 258 10.47 -1.96 10.28
N THR C 259 10.85 -3.23 10.47
CA THR C 259 10.92 -4.21 9.39
C THR C 259 9.52 -4.40 8.73
N LEU C 260 8.48 -4.32 9.56
CA LEU C 260 7.08 -4.40 9.14
C LEU C 260 6.62 -3.20 8.29
N LEU C 261 7.11 -1.98 8.61
CA LEU C 261 6.64 -0.76 7.95
C LEU C 261 7.57 -0.11 6.94
N ILE C 262 8.87 -0.46 6.94
CA ILE C 262 9.89 0.18 6.12
C ILE C 262 9.69 -0.03 4.62
N ARG C 263 9.21 -1.19 4.21
CA ARG C 263 9.00 -1.49 2.80
C ARG C 263 7.94 -0.56 2.18
N ASN C 264 8.11 -0.21 0.92
CA ASN C 264 7.14 0.63 0.24
C ASN C 264 6.58 -0.12 -0.98
N PRO C 265 5.60 -1.03 -0.77
CA PRO C 265 5.03 -1.78 -1.90
C PRO C 265 4.37 -0.89 -2.95
N CYS C 266 3.75 0.22 -2.52
CA CYS C 266 3.12 1.17 -3.45
C CYS C 266 4.10 1.86 -4.38
N ARG C 267 5.36 2.06 -3.93
CA ARG C 267 6.44 2.64 -4.75
C ARG C 267 6.77 1.64 -5.86
N LYS C 268 6.89 0.34 -5.52
CA LYS C 268 7.19 -0.71 -6.51
C LYS C 268 6.08 -0.84 -7.54
N ILE C 269 4.80 -0.76 -7.10
CA ILE C 269 3.64 -0.82 -7.99
C ILE C 269 3.66 0.36 -8.97
N LEU C 270 3.86 1.60 -8.47
CA LEU C 270 3.91 2.82 -9.29
C LEU C 270 5.00 2.74 -10.32
N GLU C 271 6.21 2.30 -9.93
CA GLU C 271 7.36 2.15 -10.84
C GLU C 271 7.05 1.18 -11.98
N GLU C 272 6.35 0.06 -11.66
CA GLU C 272 5.95 -0.94 -12.65
C GLU C 272 4.88 -0.37 -13.60
N LEU C 273 3.95 0.44 -13.06
CA LEU C 273 2.91 1.09 -13.86
C LEU C 273 3.48 2.09 -14.88
N TYR C 274 4.57 2.82 -14.52
CA TYR C 274 5.23 3.77 -15.41
C TYR C 274 6.18 3.11 -16.39
N SER C 275 6.55 1.83 -16.17
CA SER C 275 7.51 1.13 -17.04
C SER C 275 7.06 1.03 -18.53
N THR C 276 5.74 1.08 -18.77
CA THR C 276 5.14 1.00 -20.11
C THR C 276 4.92 2.41 -20.73
N SER C 277 5.71 3.41 -20.26
CA SER C 277 5.68 4.77 -20.76
C SER C 277 6.95 5.12 -21.55
N TYR C 278 8.00 4.29 -21.48
CA TYR C 278 9.24 4.56 -22.23
C TYR C 278 9.46 3.57 -23.38
N GLU D 19 -8.06 24.36 6.01
CA GLU D 19 -8.70 23.28 5.27
C GLU D 19 -9.28 23.73 3.92
N GLU D 20 -9.88 24.95 3.86
CA GLU D 20 -10.49 25.45 2.62
C GLU D 20 -9.79 26.70 2.11
N PHE D 21 -9.15 26.58 0.91
CA PHE D 21 -8.42 27.70 0.29
C PHE D 21 -9.35 28.77 -0.25
N ARG D 22 -8.88 30.03 -0.13
CA ARG D 22 -9.53 31.22 -0.65
C ARG D 22 -8.42 32.10 -1.24
N PRO D 23 -8.60 32.71 -2.45
CA PRO D 23 -7.54 33.57 -3.02
C PRO D 23 -7.11 34.74 -2.13
N GLU D 24 -7.98 35.13 -1.18
CA GLU D 24 -7.77 36.22 -0.22
C GLU D 24 -6.62 35.94 0.75
N MET D 25 -6.29 34.64 0.95
CA MET D 25 -5.18 34.21 1.80
C MET D 25 -3.83 34.75 1.33
N LEU D 26 -3.72 35.08 0.03
CA LEU D 26 -2.51 35.61 -0.60
C LEU D 26 -2.52 37.13 -0.80
N GLN D 27 -3.66 37.79 -0.54
CA GLN D 27 -3.82 39.24 -0.67
C GLN D 27 -2.86 39.96 0.26
N GLY D 28 -1.97 40.77 -0.32
CA GLY D 28 -0.95 41.54 0.38
C GLY D 28 0.24 40.75 0.92
N LYS D 29 0.31 39.42 0.63
CA LYS D 29 1.42 38.57 1.08
C LYS D 29 2.68 38.87 0.28
N LYS D 30 3.84 38.75 0.93
CA LYS D 30 5.15 39.02 0.32
C LYS D 30 5.75 37.67 -0.11
N VAL D 31 5.76 37.43 -1.44
CA VAL D 31 6.16 36.15 -2.02
C VAL D 31 7.32 36.24 -3.00
N ILE D 32 8.29 35.30 -2.84
CA ILE D 32 9.40 35.08 -3.75
C ILE D 32 9.02 33.87 -4.59
N VAL D 33 9.21 33.93 -5.92
CA VAL D 33 9.03 32.80 -6.82
C VAL D 33 10.33 32.68 -7.63
N THR D 34 11.05 31.55 -7.50
CA THR D 34 12.29 31.32 -8.26
C THR D 34 11.93 30.60 -9.56
N GLY D 35 12.81 30.66 -10.56
CA GLY D 35 12.55 30.08 -11.88
C GLY D 35 11.19 30.52 -12.39
N ALA D 36 10.91 31.84 -12.33
CA ALA D 36 9.60 32.41 -12.65
C ALA D 36 9.51 33.18 -13.99
N SER D 37 10.47 32.98 -14.92
CA SER D 37 10.43 33.63 -16.24
C SER D 37 9.61 32.80 -17.24
N LYS D 38 9.44 31.50 -16.96
CA LYS D 38 8.69 30.56 -17.78
C LYS D 38 8.14 29.41 -16.96
N GLY D 39 7.35 28.57 -17.62
CA GLY D 39 6.72 27.38 -17.06
C GLY D 39 5.83 27.58 -15.86
N ILE D 40 5.91 26.64 -14.89
CA ILE D 40 5.12 26.60 -13.66
C ILE D 40 5.39 27.85 -12.79
N GLY D 41 6.66 28.28 -12.72
CA GLY D 41 7.09 29.45 -11.97
C GLY D 41 6.39 30.72 -12.40
N ARG D 42 6.31 30.96 -13.73
CA ARG D 42 5.61 32.10 -14.33
C ARG D 42 4.12 32.03 -14.04
N GLU D 43 3.53 30.83 -14.17
CA GLU D 43 2.10 30.60 -13.87
C GLU D 43 1.76 30.93 -12.42
N MET D 44 2.69 30.60 -11.48
CA MET D 44 2.55 30.90 -10.05
C MET D 44 2.60 32.41 -9.83
N ALA D 45 3.54 33.12 -10.51
CA ALA D 45 3.66 34.58 -10.41
C ALA D 45 2.35 35.24 -10.84
N TYR D 46 1.75 34.76 -11.94
CA TYR D 46 0.49 35.23 -12.52
C TYR D 46 -0.70 35.00 -11.58
N HIS D 47 -0.82 33.80 -10.97
CA HIS D 47 -1.88 33.51 -9.99
C HIS D 47 -1.76 34.43 -8.77
N LEU D 48 -0.53 34.61 -8.25
CA LEU D 48 -0.25 35.44 -7.08
C LEU D 48 -0.59 36.91 -7.34
N ALA D 49 -0.29 37.40 -8.57
CA ALA D 49 -0.58 38.75 -9.04
C ALA D 49 -2.10 38.99 -9.01
N LYS D 50 -2.88 38.05 -9.56
CA LYS D 50 -4.35 38.06 -9.58
C LYS D 50 -4.94 38.07 -8.16
N MET D 51 -4.25 37.43 -7.19
CA MET D 51 -4.67 37.36 -5.78
C MET D 51 -4.27 38.60 -4.97
N GLY D 52 -3.57 39.52 -5.62
CA GLY D 52 -3.16 40.78 -4.99
C GLY D 52 -1.98 40.66 -4.04
N ALA D 53 -1.03 39.77 -4.33
CA ALA D 53 0.16 39.62 -3.50
C ALA D 53 1.26 40.52 -4.01
N HIS D 54 2.32 40.72 -3.20
CA HIS D 54 3.54 41.43 -3.58
C HIS D 54 4.46 40.31 -4.06
N VAL D 55 5.05 40.45 -5.26
CA VAL D 55 5.90 39.40 -5.78
C VAL D 55 7.27 39.88 -6.17
N VAL D 56 8.28 39.02 -5.95
CA VAL D 56 9.63 39.19 -6.43
C VAL D 56 9.97 37.88 -7.16
N VAL D 57 10.17 37.99 -8.46
CA VAL D 57 10.46 36.86 -9.34
C VAL D 57 11.94 36.83 -9.70
N THR D 58 12.48 35.62 -9.93
CA THR D 58 13.87 35.48 -10.34
C THR D 58 14.04 34.36 -11.35
N ALA D 59 15.09 34.50 -12.17
CA ALA D 59 15.53 33.62 -13.24
C ALA D 59 16.80 34.30 -13.81
N ARG D 60 17.44 33.72 -14.84
CA ARG D 60 18.65 34.33 -15.41
C ARG D 60 18.39 35.45 -16.41
N SER D 61 17.24 35.41 -17.15
CA SER D 61 16.91 36.38 -18.21
C SER D 61 16.15 37.63 -17.73
N LYS D 62 16.83 38.79 -17.65
CA LYS D 62 16.19 40.05 -17.24
C LYS D 62 15.05 40.43 -18.18
N GLU D 63 15.20 40.14 -19.49
CA GLU D 63 14.23 40.43 -20.55
C GLU D 63 12.92 39.67 -20.35
N THR D 64 13.00 38.34 -20.14
CA THR D 64 11.81 37.52 -19.91
C THR D 64 11.19 37.86 -18.56
N LEU D 65 12.04 38.19 -17.55
CA LEU D 65 11.59 38.59 -16.21
C LEU D 65 10.77 39.89 -16.24
N GLN D 66 11.21 40.87 -17.08
CA GLN D 66 10.55 42.17 -17.29
C GLN D 66 9.11 41.97 -17.77
N LYS D 67 8.92 41.07 -18.76
CA LYS D 67 7.61 40.72 -19.33
C LYS D 67 6.69 40.14 -18.24
N VAL D 68 7.23 39.23 -17.40
CA VAL D 68 6.49 38.62 -16.28
C VAL D 68 6.05 39.71 -15.31
N VAL D 69 6.97 40.59 -14.90
CA VAL D 69 6.70 41.71 -13.98
C VAL D 69 5.58 42.62 -14.53
N SER D 70 5.71 43.06 -15.80
CA SER D 70 4.70 43.92 -16.46
C SER D 70 3.31 43.27 -16.49
N HIS D 71 3.23 41.98 -16.87
CA HIS D 71 1.95 41.26 -16.87
C HIS D 71 1.39 41.07 -15.47
N CYS D 72 2.28 40.89 -14.44
CA CYS D 72 1.90 40.74 -13.04
C CYS D 72 1.18 42.00 -12.54
N LEU D 73 1.75 43.17 -12.84
CA LEU D 73 1.16 44.46 -12.50
C LEU D 73 -0.21 44.63 -13.18
N GLU D 74 -0.34 44.25 -14.49
CA GLU D 74 -1.62 44.26 -15.24
C GLU D 74 -2.68 43.41 -14.57
N LEU D 75 -2.29 42.23 -14.02
CA LEU D 75 -3.20 41.26 -13.37
C LEU D 75 -3.68 41.67 -12.00
N GLY D 76 -3.01 42.63 -11.37
CA GLY D 76 -3.41 43.16 -10.08
C GLY D 76 -2.48 42.89 -8.90
N ALA D 77 -1.16 42.73 -9.16
CA ALA D 77 -0.22 42.50 -8.07
C ALA D 77 -0.08 43.77 -7.25
N ALA D 78 0.01 43.64 -5.90
CA ALA D 78 0.16 44.75 -4.98
C ALA D 78 1.44 45.53 -5.33
N SER D 79 2.47 44.80 -5.78
CA SER D 79 3.77 45.27 -6.27
C SER D 79 4.43 44.09 -6.97
N ALA D 80 5.32 44.37 -7.93
CA ALA D 80 6.02 43.34 -8.68
C ALA D 80 7.40 43.81 -9.04
N HIS D 81 8.41 42.98 -8.74
CA HIS D 81 9.82 43.24 -9.02
C HIS D 81 10.50 41.95 -9.51
N TYR D 82 11.65 42.10 -10.17
CA TYR D 82 12.48 40.99 -10.61
C TYR D 82 13.92 41.29 -10.23
N ILE D 83 14.72 40.25 -10.02
CA ILE D 83 16.15 40.32 -9.78
C ILE D 83 16.69 39.17 -10.60
N ALA D 84 17.52 39.46 -11.60
CA ALA D 84 18.07 38.48 -12.51
C ALA D 84 19.42 37.95 -12.05
N GLY D 85 19.64 36.64 -12.20
CA GLY D 85 20.88 35.98 -11.85
C GLY D 85 20.80 34.47 -11.87
N THR D 86 21.96 33.81 -11.78
CA THR D 86 22.07 32.36 -11.78
C THR D 86 22.14 31.77 -10.36
N MET D 87 21.34 30.73 -10.12
CA MET D 87 21.30 29.97 -8.87
C MET D 87 22.47 28.97 -8.73
N GLU D 88 23.42 29.00 -9.68
CA GLU D 88 24.69 28.28 -9.64
C GLU D 88 25.60 29.06 -8.67
N ASP D 89 25.35 30.37 -8.56
CA ASP D 89 26.08 31.32 -7.72
C ASP D 89 25.40 31.46 -6.38
N MET D 90 26.00 30.83 -5.36
CA MET D 90 25.53 30.81 -3.98
C MET D 90 25.52 32.20 -3.34
N THR D 91 26.41 33.12 -3.82
CA THR D 91 26.50 34.51 -3.37
C THR D 91 25.28 35.28 -3.87
N PHE D 92 24.90 35.07 -5.16
CA PHE D 92 23.70 35.67 -5.74
C PHE D 92 22.46 35.18 -5.00
N ALA D 93 22.38 33.86 -4.75
CA ALA D 93 21.23 33.24 -4.07
C ALA D 93 20.99 33.88 -2.70
N GLU D 94 22.06 34.08 -1.92
CA GLU D 94 22.05 34.69 -0.59
C GLU D 94 21.65 36.21 -0.64
N GLN D 95 22.28 37.00 -1.53
CA GLN D 95 22.01 38.43 -1.69
C GLN D 95 20.66 38.72 -2.31
N PHE D 96 20.18 37.83 -3.19
CA PHE D 96 18.86 37.93 -3.81
C PHE D 96 17.74 38.01 -2.76
N VAL D 97 17.79 37.13 -1.73
CA VAL D 97 16.77 37.09 -0.68
C VAL D 97 16.76 38.39 0.13
N ALA D 98 17.94 38.93 0.50
CA ALA D 98 18.03 40.16 1.30
C ALA D 98 17.47 41.34 0.49
N GLN D 99 17.77 41.38 -0.84
CA GLN D 99 17.34 42.35 -1.84
C GLN D 99 15.81 42.29 -1.95
N ALA D 100 15.26 41.06 -2.17
CA ALA D 100 13.83 40.82 -2.33
C ALA D 100 13.05 41.21 -1.07
N GLY D 101 13.59 40.85 0.09
CA GLY D 101 13.02 41.17 1.40
C GLY D 101 12.99 42.66 1.68
N LYS D 102 14.05 43.39 1.22
CA LYS D 102 14.14 44.84 1.35
C LYS D 102 13.08 45.52 0.46
N LEU D 103 12.87 45.01 -0.76
CA LEU D 103 11.86 45.53 -1.72
C LEU D 103 10.44 45.38 -1.19
N MET D 104 10.16 44.28 -0.51
CA MET D 104 8.81 44.01 -0.01
C MET D 104 8.58 44.40 1.45
N GLY D 105 9.66 44.64 2.19
CA GLY D 105 9.63 44.95 3.62
C GLY D 105 9.27 43.74 4.45
N GLY D 106 9.78 42.58 4.02
CA GLY D 106 9.53 41.30 4.66
C GLY D 106 9.29 40.17 3.68
N LEU D 107 8.94 39.00 4.23
CA LEU D 107 8.70 37.80 3.45
C LEU D 107 7.73 36.87 4.14
N ASP D 108 6.68 36.46 3.41
CA ASP D 108 5.66 35.54 3.91
C ASP D 108 5.80 34.15 3.32
N MET D 109 6.17 34.08 2.02
CA MET D 109 6.28 32.80 1.33
C MET D 109 7.47 32.78 0.41
N LEU D 110 8.25 31.70 0.50
CA LEU D 110 9.42 31.46 -0.34
C LEU D 110 9.10 30.26 -1.24
N ILE D 111 8.95 30.51 -2.54
CA ILE D 111 8.64 29.44 -3.50
C ILE D 111 9.89 29.09 -4.29
N LEU D 112 10.44 27.90 -4.01
CA LEU D 112 11.68 27.36 -4.57
C LEU D 112 11.29 26.41 -5.68
N ASN D 113 11.51 26.86 -6.93
CA ASN D 113 11.00 26.21 -8.14
C ASN D 113 12.04 25.97 -9.26
N HIS D 114 13.07 26.82 -9.35
CA HIS D 114 14.09 26.69 -10.40
C HIS D 114 14.86 25.32 -10.39
N ILE D 115 15.35 24.91 -11.57
CA ILE D 115 16.20 23.73 -11.72
C ILE D 115 17.22 24.06 -12.78
N THR D 116 18.31 23.29 -12.86
CA THR D 116 19.28 23.44 -13.94
C THR D 116 18.65 22.75 -15.17
N ASN D 117 19.04 23.15 -16.39
CA ASN D 117 18.49 22.51 -17.61
C ASN D 117 18.83 21.03 -17.61
N THR D 118 17.83 20.20 -17.85
CA THR D 118 18.03 18.75 -17.87
C THR D 118 17.21 18.07 -18.99
N SER D 119 17.70 16.95 -19.45
CA SER D 119 17.05 16.20 -20.49
C SER D 119 17.00 14.72 -20.09
N LEU D 120 16.20 13.90 -20.80
CA LEU D 120 16.09 12.47 -20.57
C LEU D 120 17.30 11.83 -21.26
N ASN D 121 18.18 11.18 -20.47
CA ASN D 121 19.41 10.52 -20.91
C ASN D 121 19.82 9.44 -19.93
N LEU D 122 20.40 8.35 -20.42
CA LEU D 122 20.90 7.29 -19.55
C LEU D 122 22.17 7.80 -18.89
N PHE D 123 22.45 7.35 -17.68
CA PHE D 123 23.64 7.78 -16.97
C PHE D 123 24.84 6.96 -17.41
N HIS D 124 25.93 7.67 -17.77
CA HIS D 124 27.18 7.02 -18.16
C HIS D 124 28.33 7.58 -17.32
N ASP D 125 28.73 8.83 -17.55
CA ASP D 125 29.86 9.42 -16.83
C ASP D 125 29.76 10.93 -16.67
N ASP D 126 28.56 11.49 -16.87
CA ASP D 126 28.43 12.94 -16.74
C ASP D 126 28.30 13.36 -15.26
N ILE D 127 29.44 13.31 -14.53
CA ILE D 127 29.55 13.73 -13.13
C ILE D 127 29.30 15.24 -12.99
N HIS D 128 29.65 16.01 -14.04
CA HIS D 128 29.42 17.46 -14.10
C HIS D 128 27.93 17.79 -14.04
N HIS D 129 27.07 17.01 -14.72
CA HIS D 129 25.62 17.20 -14.65
C HIS D 129 25.09 16.76 -13.27
N VAL D 130 25.68 15.69 -12.67
CA VAL D 130 25.31 15.23 -11.32
C VAL D 130 25.60 16.34 -10.28
N ARG D 131 26.82 16.88 -10.30
CA ARG D 131 27.22 17.98 -9.41
C ARG D 131 26.39 19.25 -9.63
N LYS D 132 26.19 19.66 -10.89
CA LYS D 132 25.41 20.88 -11.20
C LYS D 132 23.96 20.76 -10.75
N SER D 133 23.36 19.57 -10.96
CA SER D 133 22.00 19.28 -10.51
C SER D 133 21.93 19.39 -8.98
N MET D 134 22.92 18.85 -8.26
CA MET D 134 22.93 18.96 -6.79
C MET D 134 23.07 20.42 -6.33
N GLU D 135 23.94 21.18 -6.99
CA GLU D 135 24.20 22.59 -6.69
C GLU D 135 22.97 23.48 -6.93
N VAL D 136 22.39 23.41 -8.14
CA VAL D 136 21.25 24.26 -8.53
C VAL D 136 19.95 23.78 -7.95
N ASN D 137 19.61 22.49 -8.12
CA ASN D 137 18.32 21.99 -7.68
C ASN D 137 18.17 21.79 -6.20
N PHE D 138 19.29 21.64 -5.49
CA PHE D 138 19.23 21.34 -4.07
C PHE D 138 19.97 22.35 -3.18
N LEU D 139 21.28 22.49 -3.37
CA LEU D 139 22.09 23.35 -2.53
C LEU D 139 21.66 24.81 -2.53
N SER D 140 21.30 25.38 -3.70
CA SER D 140 20.81 26.76 -3.76
C SER D 140 19.50 26.93 -2.94
N TYR D 141 18.65 25.88 -2.89
CA TYR D 141 17.39 25.87 -2.11
C TYR D 141 17.70 25.98 -0.63
N VAL D 142 18.77 25.32 -0.16
CA VAL D 142 19.25 25.37 1.23
C VAL D 142 19.77 26.80 1.52
N VAL D 143 20.58 27.37 0.60
CA VAL D 143 21.15 28.73 0.73
C VAL D 143 20.03 29.77 0.80
N LEU D 144 19.02 29.64 -0.08
CA LEU D 144 17.86 30.52 -0.13
C LEU D 144 17.06 30.43 1.16
N THR D 145 16.87 29.22 1.71
CA THR D 145 16.18 28.96 2.96
C THR D 145 16.91 29.65 4.15
N VAL D 146 18.24 29.51 4.24
CA VAL D 146 19.05 30.11 5.31
C VAL D 146 18.92 31.64 5.29
N ALA D 147 19.02 32.24 4.10
CA ALA D 147 18.92 33.69 3.88
C ALA D 147 17.52 34.22 4.24
N ALA D 148 16.47 33.41 3.93
CA ALA D 148 15.05 33.75 4.14
C ALA D 148 14.48 33.47 5.52
N LEU D 149 15.05 32.53 6.29
CA LEU D 149 14.49 32.09 7.56
C LEU D 149 14.24 33.20 8.59
N PRO D 150 15.17 34.16 8.87
CA PRO D 150 14.84 35.22 9.85
C PRO D 150 13.54 35.98 9.51
N MET D 151 13.31 36.34 8.23
CA MET D 151 12.08 37.01 7.79
C MET D 151 10.86 36.09 7.89
N LEU D 152 11.01 34.79 7.57
CA LEU D 152 9.90 33.84 7.63
C LEU D 152 9.51 33.52 9.07
N LYS D 153 10.49 33.58 10.00
CA LYS D 153 10.26 33.41 11.43
C LYS D 153 9.41 34.57 11.98
N GLN D 154 9.71 35.80 11.51
CA GLN D 154 9.04 37.05 11.86
C GLN D 154 7.57 37.06 11.41
N SER D 155 7.30 36.52 10.21
CA SER D 155 5.95 36.50 9.65
C SER D 155 5.20 35.19 9.91
N ASN D 156 5.86 34.17 10.53
CA ASN D 156 5.30 32.81 10.69
C ASN D 156 4.93 32.30 9.30
N GLY D 157 5.91 32.46 8.40
CA GLY D 157 5.80 32.18 6.99
C GLY D 157 5.88 30.75 6.50
N SER D 158 6.02 30.60 5.16
CA SER D 158 5.99 29.33 4.46
C SER D 158 7.11 29.15 3.45
N ILE D 159 7.62 27.92 3.37
CA ILE D 159 8.61 27.51 2.38
C ILE D 159 7.89 26.50 1.49
N VAL D 160 7.90 26.73 0.18
CA VAL D 160 7.27 25.85 -0.79
C VAL D 160 8.40 25.32 -1.68
N VAL D 161 8.57 24.00 -1.68
CA VAL D 161 9.64 23.29 -2.41
C VAL D 161 9.02 22.51 -3.57
N VAL D 162 9.39 22.89 -4.78
CA VAL D 162 8.86 22.21 -5.95
C VAL D 162 9.74 21.00 -6.29
N SER D 163 9.15 19.82 -6.12
CA SER D 163 9.80 18.54 -6.40
C SER D 163 9.08 17.84 -7.55
N SER D 164 9.22 16.50 -7.64
CA SER D 164 8.69 15.68 -8.73
C SER D 164 8.33 14.29 -8.23
N LEU D 165 7.58 13.51 -9.05
CA LEU D 165 7.32 12.09 -8.76
C LEU D 165 8.66 11.33 -8.76
N ALA D 166 9.64 11.82 -9.56
CA ALA D 166 11.03 11.33 -9.64
C ALA D 166 11.81 11.67 -8.35
N GLY D 167 11.17 12.40 -7.43
CA GLY D 167 11.68 12.71 -6.10
C GLY D 167 11.05 11.85 -5.03
N LYS D 168 10.23 10.84 -5.43
CA LYS D 168 9.56 9.91 -4.51
C LYS D 168 9.71 8.46 -4.97
N VAL D 169 9.78 8.24 -6.30
CA VAL D 169 9.91 6.90 -6.90
C VAL D 169 11.03 6.93 -7.96
N ALA D 170 11.55 5.78 -8.33
CA ALA D 170 12.63 5.68 -9.30
C ALA D 170 12.13 5.62 -10.73
N TYR D 171 12.80 6.34 -11.62
CA TYR D 171 12.54 6.39 -13.05
C TYR D 171 13.88 6.30 -13.75
N PRO D 172 14.00 5.57 -14.89
CA PRO D 172 15.27 5.61 -15.64
C PRO D 172 15.39 6.94 -16.38
N MET D 173 16.61 7.29 -16.81
CA MET D 173 16.99 8.47 -17.61
C MET D 173 17.00 9.83 -16.85
N VAL D 174 16.76 9.81 -15.55
CA VAL D 174 16.73 11.01 -14.69
C VAL D 174 17.53 10.78 -13.39
N ALA D 175 18.64 10.02 -13.43
CA ALA D 175 19.40 9.72 -12.22
C ALA D 175 19.88 10.98 -11.44
N ALA D 176 20.58 11.92 -12.10
CA ALA D 176 21.11 13.16 -11.48
C ALA D 176 19.97 14.04 -10.92
N TYR D 177 18.94 14.28 -11.76
CA TYR D 177 17.73 15.04 -11.43
C TYR D 177 17.02 14.44 -10.23
N SER D 178 16.77 13.13 -10.28
CA SER D 178 16.06 12.37 -9.25
C SER D 178 16.82 12.39 -7.90
N ALA D 179 18.14 12.28 -7.94
CA ALA D 179 18.99 12.36 -6.75
C ALA D 179 18.80 13.73 -6.08
N SER D 180 18.79 14.81 -6.87
CA SER D 180 18.61 16.17 -6.35
C SER D 180 17.18 16.37 -5.77
N LYS D 181 16.16 15.70 -6.34
CA LYS D 181 14.75 15.79 -5.86
C LYS D 181 14.52 14.97 -4.61
N PHE D 182 15.17 13.79 -4.52
CA PHE D 182 15.17 12.94 -3.34
C PHE D 182 15.85 13.72 -2.20
N ALA D 183 17.02 14.34 -2.48
CA ALA D 183 17.79 15.16 -1.51
C ALA D 183 16.90 16.26 -0.87
N LEU D 184 16.03 16.92 -1.65
CA LEU D 184 15.11 17.94 -1.15
C LEU D 184 14.15 17.36 -0.09
N ASP D 185 13.59 16.16 -0.34
CA ASP D 185 12.69 15.46 0.59
C ASP D 185 13.45 15.15 1.90
N GLY D 186 14.63 14.54 1.81
CA GLY D 186 15.46 14.26 2.97
C GLY D 186 15.81 15.49 3.78
N PHE D 187 16.23 16.58 3.10
CA PHE D 187 16.60 17.80 3.82
C PHE D 187 15.41 18.51 4.46
N PHE D 188 14.41 18.86 3.64
CA PHE D 188 13.27 19.63 4.09
C PHE D 188 12.34 18.87 5.04
N SER D 189 12.27 17.53 4.92
CA SER D 189 11.44 16.76 5.85
C SER D 189 12.09 16.65 7.23
N SER D 190 13.43 16.69 7.26
CA SER D 190 14.20 16.62 8.49
C SER D 190 14.11 17.96 9.24
N ILE D 191 14.32 19.10 8.54
CA ILE D 191 14.22 20.43 9.17
C ILE D 191 12.78 20.71 9.61
N ARG D 192 11.74 20.16 8.92
CA ARG D 192 10.34 20.32 9.33
C ARG D 192 10.14 19.73 10.74
N LYS D 193 10.74 18.55 11.01
CA LYS D 193 10.69 17.88 12.32
C LYS D 193 11.44 18.73 13.37
N GLU D 194 12.58 19.33 12.99
CA GLU D 194 13.36 20.22 13.87
C GLU D 194 12.59 21.50 14.22
N TYR D 195 11.89 22.09 13.24
CA TYR D 195 11.10 23.31 13.43
C TYR D 195 9.94 23.03 14.39
N SER D 196 9.37 21.82 14.32
CA SER D 196 8.29 21.36 15.17
C SER D 196 8.73 21.33 16.66
N VAL D 197 9.89 20.72 16.94
CA VAL D 197 10.40 20.63 18.32
C VAL D 197 11.00 21.97 18.81
N SER D 198 11.46 22.83 17.89
CA SER D 198 12.05 24.14 18.22
C SER D 198 10.99 25.25 18.24
N ARG D 199 9.74 24.89 17.92
CA ARG D 199 8.59 25.79 17.85
C ARG D 199 8.84 26.98 16.88
N VAL D 200 9.46 26.66 15.70
CA VAL D 200 9.71 27.61 14.61
C VAL D 200 8.42 27.48 13.77
N ASN D 201 7.58 28.51 13.77
CA ASN D 201 6.28 28.46 13.08
C ASN D 201 6.39 28.78 11.58
N VAL D 202 7.25 28.01 10.88
CA VAL D 202 7.50 28.15 9.44
C VAL D 202 7.11 26.82 8.81
N SER D 203 6.06 26.84 7.95
CA SER D 203 5.61 25.60 7.30
C SER D 203 6.53 25.26 6.10
N ILE D 204 6.57 23.97 5.77
CA ILE D 204 7.37 23.45 4.65
C ILE D 204 6.47 22.57 3.80
N THR D 205 6.25 22.97 2.53
CA THR D 205 5.41 22.24 1.57
C THR D 205 6.24 21.64 0.44
N LEU D 206 6.31 20.31 0.38
CA LEU D 206 7.00 19.59 -0.70
C LEU D 206 5.95 19.22 -1.76
N CYS D 207 6.14 19.68 -2.98
CA CYS D 207 5.22 19.47 -4.09
C CYS D 207 5.72 18.41 -5.01
N VAL D 208 4.97 17.30 -5.12
CA VAL D 208 5.28 16.10 -5.89
C VAL D 208 4.44 16.14 -7.16
N LEU D 209 5.07 16.55 -8.26
CA LEU D 209 4.42 16.72 -9.54
C LEU D 209 4.79 15.66 -10.55
N GLY D 210 3.79 15.31 -11.38
CA GLY D 210 3.95 14.43 -12.52
C GLY D 210 4.24 15.29 -13.74
N LEU D 211 4.07 14.75 -14.96
CA LEU D 211 4.32 15.52 -16.19
C LEU D 211 3.41 16.74 -16.33
N ILE D 212 4.01 17.93 -16.53
CA ILE D 212 3.30 19.20 -16.69
C ILE D 212 3.60 19.73 -18.09
N ASP D 213 2.57 20.28 -18.78
CA ASP D 213 2.68 20.73 -20.17
C ASP D 213 3.53 22.02 -20.38
N THR D 214 4.66 22.17 -19.67
CA THR D 214 5.55 23.32 -19.92
C THR D 214 6.30 23.04 -21.24
N GLU D 215 6.71 24.09 -21.95
CA GLU D 215 7.44 23.97 -23.22
C GLU D 215 8.71 23.12 -23.05
N THR D 216 9.42 23.31 -21.92
CA THR D 216 10.64 22.55 -21.61
C THR D 216 10.34 21.06 -21.46
N ALA D 217 9.29 20.70 -20.68
CA ALA D 217 8.94 19.29 -20.46
C ALA D 217 8.45 18.62 -21.70
N MET D 218 7.61 19.31 -22.50
CA MET D 218 7.05 18.79 -23.74
C MET D 218 8.12 18.54 -24.77
N LYS D 219 9.11 19.43 -24.86
CA LYS D 219 10.23 19.28 -25.78
C LYS D 219 11.15 18.12 -25.32
N ALA D 220 11.43 18.04 -24.01
CA ALA D 220 12.32 17.01 -23.44
C ALA D 220 11.78 15.56 -23.55
N VAL D 221 10.46 15.33 -23.34
CA VAL D 221 9.87 13.97 -23.39
C VAL D 221 9.53 13.48 -24.82
N SER D 222 9.50 14.40 -25.81
CA SER D 222 9.16 14.14 -27.22
C SER D 222 9.93 12.94 -27.86
N GLY D 223 9.17 11.87 -28.14
CA GLY D 223 9.66 10.64 -28.76
C GLY D 223 10.46 9.69 -27.87
N ILE D 224 10.54 9.99 -26.57
CA ILE D 224 11.30 9.17 -25.61
C ILE D 224 10.33 8.57 -24.62
N VAL D 225 9.48 9.43 -24.04
CA VAL D 225 8.50 9.06 -23.06
C VAL D 225 7.11 9.38 -23.60
N HIS D 226 6.19 8.45 -23.37
CA HIS D 226 4.80 8.49 -23.83
C HIS D 226 3.91 8.46 -22.61
N MET D 227 3.45 9.65 -22.20
CA MET D 227 2.59 9.86 -21.04
C MET D 227 1.79 11.15 -21.17
N GLN D 228 0.71 11.25 -20.38
CA GLN D 228 -0.21 12.37 -20.36
C GLN D 228 0.36 13.49 -19.48
N ALA D 229 0.32 14.73 -20.00
CA ALA D 229 0.74 15.92 -19.28
C ALA D 229 -0.47 16.58 -18.63
N ALA D 230 -0.25 17.26 -17.50
CA ALA D 230 -1.30 17.97 -16.80
C ALA D 230 -1.10 19.49 -17.07
N PRO D 231 -2.18 20.34 -17.02
CA PRO D 231 -1.99 21.75 -17.36
C PRO D 231 -1.20 22.54 -16.31
N LYS D 232 -0.25 23.35 -16.80
CA LYS D 232 0.66 24.17 -15.99
C LYS D 232 -0.04 25.19 -15.09
N GLU D 233 -1.17 25.75 -15.56
CA GLU D 233 -1.97 26.75 -14.84
C GLU D 233 -2.55 26.17 -13.55
N GLU D 234 -3.23 25.01 -13.65
CA GLU D 234 -3.83 24.35 -12.51
C GLU D 234 -2.73 23.84 -11.58
N CYS D 235 -1.61 23.37 -12.15
CA CYS D 235 -0.46 22.91 -11.37
C CYS D 235 0.03 24.02 -10.45
N ALA D 236 0.30 25.20 -11.04
CA ALA D 236 0.75 26.42 -10.37
C ALA D 236 -0.16 26.84 -9.23
N LEU D 237 -1.50 26.71 -9.41
CA LEU D 237 -2.49 27.04 -8.39
C LEU D 237 -2.47 26.03 -7.23
N GLU D 238 -2.43 24.73 -7.56
CA GLU D 238 -2.39 23.65 -6.56
C GLU D 238 -1.17 23.75 -5.63
N ILE D 239 -0.03 24.21 -6.16
CA ILE D 239 1.19 24.43 -5.37
C ILE D 239 0.93 25.58 -4.37
N ILE D 240 0.43 26.75 -4.85
CA ILE D 240 0.13 27.93 -4.03
C ILE D 240 -0.85 27.59 -2.88
N LYS D 241 -1.94 26.85 -3.22
CA LYS D 241 -2.95 26.39 -2.28
C LYS D 241 -2.34 25.58 -1.14
N GLY D 242 -1.49 24.60 -1.50
CA GLY D 242 -0.80 23.76 -0.53
C GLY D 242 0.01 24.58 0.45
N GLY D 243 0.76 25.55 -0.09
CA GLY D 243 1.59 26.48 0.67
C GLY D 243 0.77 27.34 1.61
N ALA D 244 -0.31 27.96 1.07
CA ALA D 244 -1.23 28.80 1.87
C ALA D 244 -1.93 28.00 2.98
N LEU D 245 -2.27 26.71 2.69
CA LEU D 245 -2.92 25.82 3.66
C LEU D 245 -1.91 25.16 4.61
N ARG D 246 -0.60 25.43 4.39
CA ARG D 246 0.51 24.93 5.22
C ARG D 246 0.56 23.38 5.27
N GLN D 247 0.19 22.76 4.14
CA GLN D 247 0.20 21.31 3.98
C GLN D 247 1.65 20.88 3.82
N GLU D 248 1.99 19.76 4.41
CA GLU D 248 3.33 19.19 4.36
C GLU D 248 3.69 18.78 2.93
N GLU D 249 2.73 18.17 2.21
CA GLU D 249 2.92 17.70 0.84
C GLU D 249 1.73 17.98 -0.07
N VAL D 250 2.02 18.23 -1.36
CA VAL D 250 1.04 18.45 -2.43
C VAL D 250 1.36 17.44 -3.51
N TYR D 251 0.34 16.77 -4.04
CA TYR D 251 0.48 15.80 -5.12
C TYR D 251 -0.33 16.26 -6.31
N TYR D 252 0.30 16.32 -7.48
CA TYR D 252 -0.37 16.79 -8.69
C TYR D 252 0.12 16.03 -9.92
N ASP D 253 -0.75 15.16 -10.46
CA ASP D 253 -0.48 14.31 -11.64
C ASP D 253 -1.77 14.09 -12.44
N SER D 254 -1.68 13.81 -13.75
CA SER D 254 -2.84 13.52 -14.59
C SER D 254 -3.48 12.16 -14.31
N SER D 255 -2.70 11.17 -13.86
CA SER D 255 -3.19 9.82 -13.55
C SER D 255 -3.82 9.74 -12.14
N ARG D 256 -5.04 9.19 -12.07
CA ARG D 256 -5.79 8.96 -10.84
C ARG D 256 -5.10 7.88 -10.00
N TRP D 257 -4.44 6.92 -10.67
CA TRP D 257 -3.73 5.81 -10.04
C TRP D 257 -2.49 6.31 -9.27
N THR D 258 -1.83 7.36 -9.79
CA THR D 258 -0.68 7.97 -9.15
C THR D 258 -1.10 8.61 -7.83
N THR D 259 -2.14 9.45 -7.86
CA THR D 259 -2.65 10.14 -6.67
C THR D 259 -3.08 9.13 -5.59
N LEU D 260 -3.63 8.00 -6.04
CA LEU D 260 -4.08 6.88 -5.21
C LEU D 260 -2.93 6.15 -4.53
N LEU D 261 -1.77 6.00 -5.21
CA LEU D 261 -0.65 5.21 -4.71
C LEU D 261 0.57 5.97 -4.16
N ILE D 262 0.71 7.26 -4.51
CA ILE D 262 1.88 8.08 -4.17
C ILE D 262 2.08 8.28 -2.65
N ARG D 263 0.99 8.40 -1.88
CA ARG D 263 1.10 8.61 -0.43
C ARG D 263 1.75 7.43 0.27
N ASN D 264 2.52 7.71 1.31
CA ASN D 264 3.25 6.69 2.06
C ASN D 264 2.83 6.70 3.53
N PRO D 265 1.67 6.08 3.84
CA PRO D 265 1.21 6.03 5.23
C PRO D 265 2.20 5.35 6.19
N CYS D 266 2.90 4.31 5.72
CA CYS D 266 3.88 3.58 6.55
C CYS D 266 5.07 4.47 6.98
N ARG D 267 5.45 5.45 6.12
CA ARG D 267 6.51 6.41 6.42
C ARG D 267 6.04 7.30 7.58
N LYS D 268 4.79 7.79 7.52
CA LYS D 268 4.24 8.65 8.59
C LYS D 268 4.14 7.90 9.91
N ILE D 269 3.71 6.61 9.88
CA ILE D 269 3.62 5.77 11.07
C ILE D 269 5.01 5.59 11.71
N LEU D 270 6.05 5.22 10.90
CA LEU D 270 7.43 5.06 11.40
C LEU D 270 7.96 6.31 12.01
N GLU D 271 7.74 7.46 11.35
CA GLU D 271 8.22 8.75 11.87
C GLU D 271 7.62 9.06 13.24
N GLU D 272 6.33 8.73 13.43
CA GLU D 272 5.62 8.91 14.72
C GLU D 272 6.22 7.96 15.76
N LEU D 273 6.50 6.71 15.38
CA LEU D 273 7.07 5.72 16.29
C LEU D 273 8.48 6.10 16.78
N TYR D 274 9.31 6.71 15.90
CA TYR D 274 10.66 7.15 16.27
C TYR D 274 10.72 8.49 16.97
N SER D 275 9.65 9.31 16.89
CA SER D 275 9.63 10.65 17.50
C SER D 275 9.96 10.65 19.00
N THR D 276 9.59 9.57 19.70
CA THR D 276 9.78 9.46 21.14
C THR D 276 11.13 8.83 21.50
N SER D 277 12.12 8.92 20.60
CA SER D 277 13.48 8.40 20.79
C SER D 277 14.50 9.50 20.98
N TYR D 278 14.13 10.77 20.72
CA TYR D 278 15.06 11.90 20.89
C TYR D 278 14.74 12.74 22.14
N ASN D 279 15.79 13.22 22.78
CA ASN D 279 15.77 14.09 23.94
C ASN D 279 16.30 15.44 23.44
N MET D 280 15.41 16.42 23.29
CA MET D 280 15.77 17.75 22.78
C MET D 280 16.24 18.67 23.93
N ASP D 281 15.37 18.81 24.96
CA ASP D 281 15.49 19.59 26.21
C ASP D 281 16.81 20.38 26.39
#